data_3N2X
#
_entry.id   3N2X
#
_cell.length_a   141.130
_cell.length_b   153.550
_cell.length_c   55.530
_cell.angle_alpha   90.00
_cell.angle_beta   90.00
_cell.angle_gamma   90.00
#
_symmetry.space_group_name_H-M   'P 21 21 2'
#
loop_
_entity.id
_entity.type
_entity.pdbx_description
1 polymer 'Uncharacterized protein yagE'
2 non-polymer 1,2-ETHANEDIOL
3 water water
#
_entity_poly.entity_id   1
_entity_poly.type   'polypeptide(L)'
_entity_poly.pdbx_seq_one_letter_code
;ALFTGIIPPVSTIFTADGQLDKPGTAALIDDLIKAGVDGLFFLGSGGEFSQLGAEERKAIARFAIDHVDRRVPVLIGTGG
TNARETIELSQHAQQAGADGIVVINPYYWKVSEANLIRYFEQVADSVTLPVMLYNFPALTGQDLTPALVKTLADSRSNII
GI(KPI)DTIDSVAHLRSMIHTVKGAHPHFTVLCGYDDHLFNTLLLGGDGAISASGNFAPQVSVNLLKAWRDGDVAKAAG
YHQTLLQIPQMYQLDTPFVNVIKEAIVLCGRPVSTHVLPPASPLDEPRKAQLKTLLQQLKLC
;
_entity_poly.pdbx_strand_id   A,B,C,D
#
loop_
_chem_comp.id
_chem_comp.type
_chem_comp.name
_chem_comp.formula
EDO non-polymer 1,2-ETHANEDIOL 'C2 H6 O2'
#
# COMPACT_ATOMS: atom_id res chain seq x y z
N ALA A 1 2.99 29.67 -20.71
CA ALA A 1 3.09 28.21 -20.37
C ALA A 1 4.00 27.47 -21.34
N LEU A 2 4.95 26.75 -20.75
CA LEU A 2 6.01 26.14 -21.54
C LEU A 2 5.72 24.68 -21.72
N PHE A 3 6.07 24.08 -22.86
CA PHE A 3 5.91 22.64 -22.99
C PHE A 3 4.49 22.14 -22.80
N THR A 4 3.56 22.80 -23.50
CA THR A 4 2.13 22.33 -23.44
C THR A 4 1.85 21.53 -24.65
N GLY A 5 0.72 20.82 -24.69
CA GLY A 5 0.34 20.15 -25.90
C GLY A 5 0.77 18.71 -25.81
N ILE A 6 1.08 18.08 -26.96
CA ILE A 6 1.34 16.65 -27.05
C ILE A 6 2.84 16.48 -27.25
N ILE A 7 3.52 15.88 -26.25
CA ILE A 7 4.98 15.78 -26.25
C ILE A 7 5.33 14.35 -25.97
N PRO A 8 5.54 13.53 -27.04
CA PRO A 8 5.73 12.10 -26.78
C PRO A 8 6.97 11.84 -25.94
N PRO A 9 6.90 10.77 -25.11
CA PRO A 9 8.16 10.27 -24.46
C PRO A 9 8.75 9.32 -25.50
N VAL A 10 9.70 9.86 -26.27
CA VAL A 10 10.15 9.15 -27.46
C VAL A 10 10.91 7.91 -27.08
N SER A 11 10.61 6.80 -27.77
CA SER A 11 11.37 5.55 -27.58
C SER A 11 12.78 5.75 -28.09
N THR A 12 13.78 5.16 -27.38
CA THR A 12 15.14 5.16 -27.86
C THR A 12 15.26 3.90 -28.69
N ILE A 13 15.69 4.04 -29.95
CA ILE A 13 15.79 2.84 -30.81
C ILE A 13 17.22 2.35 -30.71
N PHE A 14 17.38 1.08 -30.43
CA PHE A 14 18.69 0.48 -30.26
C PHE A 14 18.89 -0.56 -31.36
N THR A 15 20.16 -0.75 -31.75
CA THR A 15 20.54 -1.91 -32.56
C THR A 15 20.53 -3.17 -31.67
N ALA A 16 20.73 -4.33 -32.31
CA ALA A 16 20.72 -5.66 -31.65
C ALA A 16 21.77 -5.79 -30.60
N ASP A 17 22.87 -5.11 -30.75
CA ASP A 17 23.89 -5.15 -29.68
C ASP A 17 23.69 -4.06 -28.63
N GLY A 18 22.51 -3.42 -28.64
CA GLY A 18 22.17 -2.44 -27.60
C GLY A 18 22.80 -1.06 -27.77
N GLN A 19 23.17 -0.68 -28.98
CA GLN A 19 23.70 0.66 -29.20
C GLN A 19 22.61 1.53 -29.77
N LEU A 20 22.72 2.82 -29.51
CA LEU A 20 21.89 3.81 -30.17
C LEU A 20 21.79 3.58 -31.68
N ASP A 21 20.58 3.34 -32.16
CA ASP A 21 20.26 3.18 -33.58
C ASP A 21 19.92 4.58 -34.08
N LYS A 22 20.92 5.26 -34.65
CA LYS A 22 20.72 6.63 -35.11
C LYS A 22 19.72 6.76 -36.29
N PRO A 23 19.85 5.96 -37.35
CA PRO A 23 18.81 6.08 -38.42
C PRO A 23 17.36 5.83 -37.93
N GLY A 24 17.17 4.79 -37.12
CA GLY A 24 15.85 4.47 -36.59
C GLY A 24 15.29 5.52 -35.64
N THR A 25 16.14 6.07 -34.77
CA THR A 25 15.69 7.08 -33.85
C THR A 25 15.44 8.37 -34.64
N ALA A 26 16.28 8.67 -35.59
CA ALA A 26 16.04 9.84 -36.45
C ALA A 26 14.67 9.78 -37.15
N ALA A 27 14.37 8.62 -37.69
CA ALA A 27 13.17 8.39 -38.50
C ALA A 27 11.96 8.57 -37.60
N LEU A 28 12.01 7.98 -36.39
CA LEU A 28 10.95 8.14 -35.41
C LEU A 28 10.70 9.59 -35.04
N ILE A 29 11.77 10.32 -34.70
CA ILE A 29 11.70 11.74 -34.41
C ILE A 29 11.03 12.52 -35.57
N ASP A 30 11.41 12.20 -36.80
CA ASP A 30 10.87 12.92 -37.98
C ASP A 30 9.37 12.56 -38.15
N ASP A 31 9.05 11.27 -38.07
CA ASP A 31 7.65 10.84 -37.99
C ASP A 31 6.85 11.70 -36.99
N LEU A 32 7.34 11.82 -35.74
CA LEU A 32 6.53 12.55 -34.72
C LEU A 32 6.46 14.02 -35.02
N ILE A 33 7.55 14.61 -35.49
CA ILE A 33 7.48 16.00 -35.79
C ILE A 33 6.47 16.22 -36.92
N LYS A 34 6.56 15.43 -37.96
CA LYS A 34 5.59 15.61 -39.04
C LYS A 34 4.14 15.24 -38.68
N ALA A 35 3.93 14.42 -37.63
CA ALA A 35 2.57 14.23 -37.04
C ALA A 35 2.04 15.51 -36.31
N GLY A 36 2.88 16.49 -36.08
CA GLY A 36 2.37 17.74 -35.47
C GLY A 36 2.50 17.86 -33.96
N VAL A 37 3.39 17.05 -33.35
CA VAL A 37 3.57 17.11 -31.88
C VAL A 37 4.14 18.45 -31.51
N ASP A 38 3.93 18.84 -30.25
CA ASP A 38 4.34 20.15 -29.77
C ASP A 38 5.76 20.18 -29.12
N GLY A 39 6.44 19.04 -29.09
CA GLY A 39 7.70 18.95 -28.40
C GLY A 39 8.07 17.48 -28.33
N LEU A 40 9.33 17.21 -27.98
CA LEU A 40 9.76 15.79 -27.91
C LEU A 40 10.50 15.57 -26.58
N PHE A 41 10.24 14.44 -25.92
CA PHE A 41 10.82 14.19 -24.61
C PHE A 41 11.65 12.92 -24.70
N PHE A 42 12.97 13.10 -24.60
CA PHE A 42 13.89 11.94 -24.69
C PHE A 42 14.32 11.48 -23.30
N LEU A 43 14.52 10.17 -23.16
CA LEU A 43 15.08 9.59 -21.94
C LEU A 43 14.10 9.75 -20.74
N GLY A 44 12.80 9.65 -21.03
CA GLY A 44 11.77 9.39 -20.04
C GLY A 44 11.80 7.92 -19.72
N SER A 45 10.84 7.48 -18.92
CA SER A 45 10.71 6.05 -18.66
C SER A 45 10.63 5.21 -19.94
N GLY A 46 9.77 5.60 -20.88
CA GLY A 46 9.63 4.95 -22.20
C GLY A 46 10.93 5.00 -23.03
N GLY A 47 11.76 5.98 -22.75
CA GLY A 47 13.05 6.08 -23.45
C GLY A 47 14.13 5.27 -22.76
N GLU A 48 13.75 4.52 -21.73
CA GLU A 48 14.63 3.56 -21.00
C GLU A 48 15.76 4.20 -20.25
N PHE A 49 15.58 5.43 -19.72
CA PHE A 49 16.69 6.12 -19.05
C PHE A 49 17.32 5.24 -17.94
N SER A 50 16.48 4.47 -17.23
CA SER A 50 16.98 3.71 -16.05
C SER A 50 17.74 2.42 -16.38
N GLN A 51 17.73 2.03 -17.65
CA GLN A 51 18.55 0.92 -18.09
C GLN A 51 19.81 1.40 -18.83
N LEU A 52 20.04 2.72 -18.85
CA LEU A 52 21.19 3.30 -19.53
C LEU A 52 22.21 3.91 -18.60
N GLY A 53 23.49 3.83 -19.00
CA GLY A 53 24.54 4.50 -18.23
C GLY A 53 24.56 5.97 -18.53
N ALA A 54 25.22 6.75 -17.68
CA ALA A 54 25.29 8.21 -17.86
C ALA A 54 25.90 8.62 -19.19
N GLU A 55 27.01 7.97 -19.61
CA GLU A 55 27.63 8.35 -20.91
C GLU A 55 26.73 8.02 -22.06
N GLU A 56 26.05 6.86 -21.98
CA GLU A 56 25.07 6.51 -22.95
C GLU A 56 23.97 7.56 -23.01
N ARG A 57 23.47 8.00 -21.87
CA ARG A 57 22.41 9.00 -21.85
C ARG A 57 22.85 10.31 -22.48
N LYS A 58 24.09 10.68 -22.20
CA LYS A 58 24.63 11.92 -22.82
C LYS A 58 24.68 11.82 -24.36
N ALA A 59 25.13 10.67 -24.84
CA ALA A 59 25.25 10.49 -26.27
C ALA A 59 23.85 10.55 -26.91
N ILE A 60 22.89 9.87 -26.27
CA ILE A 60 21.55 9.84 -26.84
C ILE A 60 20.94 11.23 -26.83
N ALA A 61 21.12 11.98 -25.74
CA ALA A 61 20.52 13.30 -25.68
C ALA A 61 21.11 14.21 -26.77
N ARG A 62 22.43 14.17 -26.87
CA ARG A 62 23.12 15.02 -27.82
C ARG A 62 22.64 14.70 -29.23
N PHE A 63 22.65 13.41 -29.59
CA PHE A 63 22.15 12.99 -30.89
C PHE A 63 20.74 13.50 -31.15
N ALA A 64 19.87 13.26 -30.17
CA ALA A 64 18.44 13.59 -30.29
C ALA A 64 18.18 15.07 -30.49
N ILE A 65 18.83 15.90 -29.69
CA ILE A 65 18.67 17.33 -29.74
C ILE A 65 19.19 17.84 -31.09
N ASP A 66 20.33 17.29 -31.46
CA ASP A 66 20.95 17.68 -32.70
C ASP A 66 20.04 17.33 -33.90
N HIS A 67 19.47 16.13 -33.90
CA HIS A 67 18.61 15.75 -35.00
C HIS A 67 17.31 16.58 -35.04
N VAL A 68 16.75 16.92 -33.88
CA VAL A 68 15.52 17.67 -33.88
C VAL A 68 15.83 19.02 -34.50
N ASP A 69 17.02 19.53 -34.20
CA ASP A 69 17.52 20.77 -34.87
C ASP A 69 16.57 21.97 -34.63
N ARG A 70 16.10 22.10 -33.40
CA ARG A 70 15.16 23.15 -33.02
C ARG A 70 13.78 23.18 -33.73
N ARG A 71 13.39 22.10 -34.43
CA ARG A 71 12.10 22.11 -35.10
C ARG A 71 10.93 22.15 -34.07
N VAL A 72 11.14 21.46 -32.93
CA VAL A 72 10.18 21.54 -31.82
C VAL A 72 11.00 21.64 -30.54
N PRO A 73 10.40 22.16 -29.47
CA PRO A 73 11.03 22.06 -28.16
C PRO A 73 11.42 20.62 -27.72
N VAL A 74 12.60 20.53 -27.11
CA VAL A 74 13.16 19.25 -26.71
C VAL A 74 13.37 19.19 -25.22
N LEU A 75 12.84 18.12 -24.58
CA LEU A 75 13.04 17.90 -23.13
C LEU A 75 14.00 16.76 -22.97
N ILE A 76 14.86 16.80 -21.98
CA ILE A 76 15.75 15.66 -21.75
C ILE A 76 15.50 15.21 -20.34
N GLY A 77 15.25 13.90 -20.17
CA GLY A 77 15.07 13.35 -18.79
C GLY A 77 16.43 13.10 -18.19
N THR A 78 16.71 13.71 -17.05
CA THR A 78 18.06 13.71 -16.47
C THR A 78 18.11 13.10 -15.08
N GLY A 79 16.95 12.63 -14.63
CA GLY A 79 16.80 12.11 -13.27
C GLY A 79 17.40 10.74 -13.04
N GLY A 80 17.33 10.32 -11.78
CA GLY A 80 17.94 9.09 -11.34
C GLY A 80 17.97 9.10 -9.81
N THR A 81 18.82 8.23 -9.26
CA THR A 81 19.04 8.22 -7.83
C THR A 81 20.34 8.98 -7.41
N ASN A 82 21.30 9.05 -8.37
CA ASN A 82 22.58 9.71 -8.16
C ASN A 82 22.43 11.20 -8.48
N ALA A 83 22.21 11.98 -7.42
CA ALA A 83 21.91 13.40 -7.58
C ALA A 83 23.04 14.20 -8.25
N ARG A 84 24.32 13.79 -7.99
CA ARG A 84 25.50 14.42 -8.63
C ARG A 84 25.42 14.12 -10.13
N GLU A 85 24.98 12.91 -10.48
CA GLU A 85 24.82 12.58 -11.91
C GLU A 85 23.65 13.35 -12.51
N THR A 86 22.58 13.56 -11.72
CA THR A 86 21.47 14.39 -12.24
C THR A 86 21.95 15.82 -12.62
N ILE A 87 22.73 16.45 -11.76
CA ILE A 87 23.31 17.75 -12.08
C ILE A 87 24.17 17.68 -13.39
N GLU A 88 25.06 16.72 -13.44
CA GLU A 88 25.93 16.56 -14.61
C GLU A 88 25.11 16.30 -15.92
N LEU A 89 24.09 15.44 -15.83
CA LEU A 89 23.21 15.16 -16.98
C LEU A 89 22.39 16.38 -17.39
N SER A 90 22.01 17.17 -16.41
CA SER A 90 21.19 18.36 -16.66
C SER A 90 22.05 19.46 -17.28
N GLN A 91 23.24 19.65 -16.72
CA GLN A 91 24.16 20.65 -17.28
C GLN A 91 24.61 20.25 -18.69
N HIS A 92 24.86 18.96 -18.88
CA HIS A 92 25.14 18.48 -20.19
C HIS A 92 23.97 18.76 -21.17
N ALA A 93 22.73 18.51 -20.72
CA ALA A 93 21.60 18.74 -21.58
C ALA A 93 21.56 20.18 -22.06
N GLN A 94 21.83 21.09 -21.14
CA GLN A 94 21.75 22.49 -21.38
C GLN A 94 22.87 22.84 -22.40
N GLN A 95 24.09 22.37 -22.17
CA GLN A 95 25.23 22.63 -23.10
C GLN A 95 24.95 22.03 -24.47
N ALA A 96 24.26 20.89 -24.50
CA ALA A 96 23.95 20.22 -25.77
C ALA A 96 22.81 20.86 -26.57
N GLY A 97 22.17 21.88 -26.01
CA GLY A 97 21.10 22.61 -26.71
C GLY A 97 19.66 22.24 -26.34
N ALA A 98 19.46 21.44 -25.27
CA ALA A 98 18.06 21.06 -24.87
C ALA A 98 17.23 22.31 -24.49
N ASP A 99 15.90 22.23 -24.58
CA ASP A 99 15.07 23.36 -24.18
C ASP A 99 14.63 23.28 -22.73
N GLY A 100 14.69 22.09 -22.16
CA GLY A 100 14.25 21.86 -20.77
C GLY A 100 14.69 20.47 -20.32
N ILE A 101 14.66 20.24 -19.03
CA ILE A 101 14.94 18.98 -18.44
C ILE A 101 13.72 18.50 -17.64
N VAL A 102 13.61 17.18 -17.51
CA VAL A 102 12.47 16.58 -16.82
C VAL A 102 13.13 15.73 -15.73
N VAL A 103 12.75 15.97 -14.48
CA VAL A 103 13.47 15.40 -13.33
C VAL A 103 12.48 14.65 -12.41
N ILE A 104 12.61 13.34 -12.36
CA ILE A 104 11.83 12.49 -11.46
C ILE A 104 12.43 12.58 -10.05
N ASN A 105 11.62 12.25 -9.03
CA ASN A 105 12.15 12.23 -7.70
C ASN A 105 13.01 10.95 -7.52
N PRO A 106 14.03 10.98 -6.63
CA PRO A 106 14.89 9.79 -6.44
C PRO A 106 14.01 8.64 -5.99
N TYR A 107 14.22 7.47 -6.57
CA TYR A 107 13.25 6.40 -6.50
C TYR A 107 13.80 5.16 -5.81
N TYR A 108 15.00 5.26 -5.22
CA TYR A 108 15.47 4.17 -4.40
C TYR A 108 15.03 4.49 -2.95
N TRP A 109 15.87 5.19 -2.21
CA TRP A 109 15.48 5.87 -0.97
C TRP A 109 14.38 6.85 -1.27
N LYS A 110 13.35 6.86 -0.41
CA LYS A 110 12.29 7.87 -0.48
C LYS A 110 12.77 8.90 0.56
N VAL A 111 13.49 9.88 0.06
CA VAL A 111 14.18 10.89 0.84
C VAL A 111 13.11 11.75 1.55
N SER A 112 13.46 12.22 2.73
CA SER A 112 12.62 13.09 3.54
C SER A 112 12.22 14.29 2.69
N GLU A 113 11.10 14.89 3.04
CA GLU A 113 10.61 16.06 2.38
C GLU A 113 11.65 17.17 2.29
N ALA A 114 12.35 17.39 3.40
CA ALA A 114 13.42 18.41 3.39
C ALA A 114 14.52 18.08 2.35
N ASN A 115 14.93 16.82 2.29
CA ASN A 115 15.95 16.43 1.33
C ASN A 115 15.41 16.52 -0.09
N LEU A 116 14.13 16.19 -0.23
CA LEU A 116 13.51 16.16 -1.55
C LEU A 116 13.38 17.60 -2.13
N ILE A 117 12.92 18.52 -1.30
CA ILE A 117 12.86 19.92 -1.71
C ILE A 117 14.28 20.43 -2.10
N ARG A 118 15.26 20.15 -1.24
CA ARG A 118 16.64 20.52 -1.44
C ARG A 118 17.16 19.93 -2.72
N TYR A 119 16.86 18.65 -2.99
CA TYR A 119 17.31 18.00 -4.23
C TYR A 119 16.82 18.80 -5.50
N PHE A 120 15.52 18.98 -5.59
CA PHE A 120 14.95 19.66 -6.74
C PHE A 120 15.45 21.12 -6.89
N GLU A 121 15.54 21.84 -5.76
CA GLU A 121 16.13 23.17 -5.75
C GLU A 121 17.56 23.16 -6.35
N GLN A 122 18.40 22.26 -5.83
CA GLN A 122 19.77 22.08 -6.33
C GLN A 122 19.80 21.78 -7.78
N VAL A 123 18.96 20.88 -8.21
CA VAL A 123 18.94 20.62 -9.61
C VAL A 123 18.49 21.84 -10.42
N ALA A 124 17.46 22.52 -9.95
CA ALA A 124 16.95 23.68 -10.67
C ALA A 124 18.04 24.75 -10.74
N ASP A 125 18.83 24.87 -9.67
CA ASP A 125 19.87 25.91 -9.56
C ASP A 125 21.08 25.57 -10.37
N SER A 126 21.16 24.33 -10.86
CA SER A 126 22.36 23.91 -11.60
C SER A 126 22.24 24.31 -13.07
N VAL A 127 21.05 24.70 -13.50
CA VAL A 127 20.84 25.05 -14.91
C VAL A 127 20.08 26.36 -15.02
N THR A 128 20.11 26.96 -16.19
CA THR A 128 19.21 28.07 -16.41
C THR A 128 18.02 27.65 -17.26
N LEU A 129 17.93 26.38 -17.59
CA LEU A 129 16.81 25.83 -18.38
C LEU A 129 15.55 25.75 -17.54
N PRO A 130 14.37 25.82 -18.18
CA PRO A 130 13.14 25.37 -17.50
C PRO A 130 13.24 23.91 -17.01
N VAL A 131 12.64 23.63 -15.85
CA VAL A 131 12.61 22.27 -15.28
C VAL A 131 11.17 21.81 -15.15
N MET A 132 10.89 20.65 -15.73
CA MET A 132 9.62 19.91 -15.52
C MET A 132 9.88 18.82 -14.49
N LEU A 133 8.97 18.74 -13.51
CA LEU A 133 8.97 17.67 -12.53
C LEU A 133 8.41 16.44 -13.16
N TYR A 134 8.71 15.28 -12.58
CA TYR A 134 8.13 14.04 -13.11
C TYR A 134 7.65 13.21 -11.91
N ASN A 135 6.33 13.00 -11.82
CA ASN A 135 5.72 12.18 -10.79
C ASN A 135 5.28 10.83 -11.36
N PHE A 136 5.78 9.72 -10.79
CA PHE A 136 5.42 8.39 -11.24
C PHE A 136 5.39 7.48 -9.99
N PRO A 137 4.44 7.72 -9.09
CA PRO A 137 4.47 7.09 -7.79
C PRO A 137 4.33 5.54 -7.84
N ALA A 138 3.66 5.01 -8.85
CA ALA A 138 3.65 3.55 -9.01
C ALA A 138 5.07 2.97 -9.05
N LEU A 139 6.02 3.74 -9.62
CA LEU A 139 7.38 3.22 -9.80
C LEU A 139 8.25 3.73 -8.69
N THR A 140 8.07 5.00 -8.30
CA THR A 140 8.96 5.63 -7.39
C THR A 140 8.65 5.31 -5.93
N GLY A 141 7.38 4.98 -5.60
CA GLY A 141 6.98 4.72 -4.24
C GLY A 141 6.97 6.00 -3.42
N GLN A 142 6.98 7.15 -4.11
CA GLN A 142 6.92 8.41 -3.37
C GLN A 142 6.18 9.44 -4.24
N ASP A 143 4.99 9.82 -3.78
CA ASP A 143 4.18 10.75 -4.52
C ASP A 143 4.68 12.23 -4.44
N LEU A 144 4.76 12.92 -5.57
CA LEU A 144 4.89 14.36 -5.58
C LEU A 144 3.49 14.92 -5.40
N THR A 145 3.15 15.30 -4.18
CA THR A 145 1.79 15.73 -3.91
C THR A 145 1.61 17.14 -4.51
N PRO A 146 0.36 17.48 -4.79
CA PRO A 146 0.11 18.86 -5.31
C PRO A 146 0.69 19.95 -4.38
N ALA A 147 0.63 19.76 -3.05
CA ALA A 147 1.15 20.70 -2.07
C ALA A 147 2.67 20.85 -2.17
N LEU A 148 3.34 19.69 -2.36
CA LEU A 148 4.79 19.68 -2.53
C LEU A 148 5.23 20.35 -3.84
N VAL A 149 4.50 20.05 -4.89
CA VAL A 149 4.73 20.68 -6.19
C VAL A 149 4.49 22.16 -6.13
N LYS A 150 3.41 22.59 -5.48
CA LYS A 150 3.22 24.02 -5.24
C LYS A 150 4.42 24.69 -4.52
N THR A 151 4.86 24.09 -3.42
CA THR A 151 6.04 24.53 -2.68
C THR A 151 7.28 24.59 -3.58
N LEU A 152 7.53 23.57 -4.45
CA LEU A 152 8.65 23.70 -5.41
C LEU A 152 8.48 24.87 -6.41
N ALA A 153 7.29 24.99 -6.98
CA ALA A 153 7.05 26.09 -7.96
C ALA A 153 7.13 27.50 -7.28
N ASP A 154 6.71 27.61 -6.01
CA ASP A 154 6.91 28.80 -5.18
C ASP A 154 8.40 29.10 -4.92
N SER A 155 9.21 28.06 -4.71
CA SER A 155 10.61 28.25 -4.39
C SER A 155 11.50 28.62 -5.59
N ARG A 156 11.24 28.04 -6.77
CA ARG A 156 12.07 28.24 -7.91
C ARG A 156 11.31 28.58 -9.19
N SER A 157 11.70 29.67 -9.83
CA SER A 157 10.92 30.22 -10.93
C SER A 157 11.19 29.43 -12.16
N ASN A 158 12.27 28.66 -12.19
CA ASN A 158 12.46 27.71 -13.37
C ASN A 158 11.86 26.29 -13.28
N ILE A 159 11.20 26.01 -12.17
CA ILE A 159 10.35 24.82 -12.03
C ILE A 159 8.97 25.24 -12.48
N ILE A 160 8.68 24.90 -13.71
CA ILE A 160 7.52 25.46 -14.45
C ILE A 160 6.48 24.42 -14.97
N GLY A 161 6.62 23.14 -14.57
CA GLY A 161 5.60 22.15 -14.93
C GLY A 161 5.84 20.79 -14.32
N ILE A 162 5.01 19.83 -14.72
CA ILE A 162 5.05 18.49 -14.17
C ILE A 162 4.39 17.55 -15.15
N KPI A 163 5.01 16.48 -15.39
CA KPI A 163 4.43 15.27 -15.93
CB KPI A 163 5.55 14.54 -16.69
CG KPI A 163 4.98 13.30 -17.35
CD KPI A 163 6.09 12.49 -17.93
CE KPI A 163 5.50 11.18 -18.37
NZ KPI A 163 6.48 10.36 -19.02
CX1 KPI A 163 6.28 8.94 -19.29
C1 KPI A 163 5.03 8.59 -20.08
CX2 KPI A 163 7.51 8.36 -19.92
O1 KPI A 163 8.60 8.90 -19.65
O2 KPI A 163 7.43 7.34 -20.62
C KPI A 163 3.88 14.34 -14.86
O KPI A 163 4.70 13.87 -14.01
N ASP A 164 2.60 14.33 -14.82
CA ASP A 164 2.00 13.63 -13.61
C ASP A 164 1.49 12.29 -14.12
N THR A 165 2.28 11.23 -13.88
CA THR A 165 2.00 9.90 -14.42
C THR A 165 1.29 9.07 -13.35
N ILE A 166 -0.03 9.02 -13.41
CA ILE A 166 -0.81 8.37 -12.34
C ILE A 166 -2.22 8.12 -12.86
N ASP A 167 -2.74 6.93 -12.60
CA ASP A 167 -4.15 6.65 -13.00
C ASP A 167 -5.08 7.24 -11.92
N SER A 168 -5.23 8.54 -11.96
CA SER A 168 -6.01 9.20 -10.93
C SER A 168 -6.52 10.55 -11.37
N VAL A 169 -7.84 10.65 -11.53
CA VAL A 169 -8.49 11.90 -11.88
C VAL A 169 -8.29 12.89 -10.72
N ALA A 170 -8.41 12.40 -9.47
CA ALA A 170 -8.28 13.25 -8.28
C ALA A 170 -6.91 13.98 -8.20
N HIS A 171 -5.87 13.18 -8.40
CA HIS A 171 -4.51 13.69 -8.42
C HIS A 171 -4.32 14.74 -9.50
N LEU A 172 -4.79 14.47 -10.71
CA LEU A 172 -4.65 15.47 -11.77
C LEU A 172 -5.41 16.74 -11.45
N ARG A 173 -6.63 16.56 -10.96
CA ARG A 173 -7.50 17.69 -10.67
C ARG A 173 -6.84 18.51 -9.57
N SER A 174 -6.33 17.82 -8.56
CA SER A 174 -5.78 18.54 -7.39
C SER A 174 -4.46 19.25 -7.76
N MET A 175 -3.64 18.60 -8.60
CA MET A 175 -2.42 19.19 -9.12
C MET A 175 -2.76 20.49 -9.86
N ILE A 176 -3.75 20.42 -10.76
CA ILE A 176 -4.23 21.60 -11.43
C ILE A 176 -4.74 22.70 -10.51
N HIS A 177 -5.69 22.39 -9.62
CA HIS A 177 -6.21 23.41 -8.69
C HIS A 177 -5.14 24.01 -7.81
N THR A 178 -4.34 23.15 -7.19
CA THR A 178 -3.36 23.65 -6.22
C THR A 178 -2.20 24.34 -6.93
N VAL A 179 -1.68 23.74 -7.99
CA VAL A 179 -0.45 24.36 -8.51
C VAL A 179 -0.78 25.46 -9.53
N LYS A 180 -1.68 25.16 -10.46
CA LYS A 180 -2.08 26.19 -11.43
C LYS A 180 -2.88 27.32 -10.82
N GLY A 181 -3.67 27.04 -9.76
CA GLY A 181 -4.32 28.10 -8.96
C GLY A 181 -3.30 29.11 -8.41
N ALA A 182 -2.12 28.65 -7.98
CA ALA A 182 -1.12 29.61 -7.51
C ALA A 182 -0.24 30.12 -8.63
N HIS A 183 -0.06 29.32 -9.67
CA HIS A 183 0.84 29.63 -10.81
C HIS A 183 0.15 29.34 -12.12
N PRO A 184 -0.61 30.31 -12.63
CA PRO A 184 -1.48 30.08 -13.77
C PRO A 184 -0.77 29.49 -14.97
N HIS A 185 0.51 29.79 -15.15
CA HIS A 185 1.25 29.31 -16.31
C HIS A 185 2.12 28.07 -16.05
N PHE A 186 1.96 27.48 -14.87
CA PHE A 186 2.65 26.24 -14.58
C PHE A 186 2.02 25.15 -15.42
N THR A 187 2.81 24.36 -16.02
CA THR A 187 2.30 23.41 -16.99
C THR A 187 1.93 22.02 -16.38
N VAL A 188 0.69 21.53 -16.58
CA VAL A 188 0.38 20.19 -16.13
C VAL A 188 0.08 19.24 -17.26
N LEU A 189 0.93 18.17 -17.35
CA LEU A 189 0.79 17.18 -18.40
C LEU A 189 0.54 15.86 -17.76
N CYS A 190 -0.40 15.07 -18.29
CA CYS A 190 -0.57 13.72 -17.74
C CYS A 190 0.41 12.82 -18.42
N GLY A 191 0.74 11.72 -17.75
CA GLY A 191 1.65 10.75 -18.35
C GLY A 191 0.95 9.55 -18.93
N TYR A 192 -0.37 9.48 -18.80
CA TYR A 192 -1.13 8.38 -19.36
C TYR A 192 -2.05 8.78 -20.53
N ASP A 193 -2.09 7.94 -21.58
CA ASP A 193 -2.93 8.18 -22.79
C ASP A 193 -4.38 8.51 -22.46
N ASP A 194 -4.94 7.77 -21.53
CA ASP A 194 -6.36 7.81 -21.32
C ASP A 194 -6.76 8.94 -20.32
N HIS A 195 -5.81 9.79 -19.97
CA HIS A 195 -6.11 10.93 -19.12
C HIS A 195 -5.96 12.29 -19.79
N LEU A 196 -5.57 12.28 -21.05
CA LEU A 196 -5.36 13.49 -21.85
C LEU A 196 -6.65 14.35 -21.90
N PHE A 197 -7.75 13.74 -22.32
CA PHE A 197 -9.01 14.44 -22.44
C PHE A 197 -9.40 15.06 -21.10
N ASN A 198 -9.40 14.26 -20.03
CA ASN A 198 -9.78 14.83 -18.73
C ASN A 198 -8.84 15.95 -18.31
N THR A 199 -7.52 15.73 -18.52
CA THR A 199 -6.54 16.75 -18.19
C THR A 199 -6.93 18.08 -18.87
N LEU A 200 -7.29 18.04 -20.16
CA LEU A 200 -7.70 19.27 -20.89
C LEU A 200 -8.97 19.86 -20.24
N LEU A 201 -9.96 19.02 -20.01
CA LEU A 201 -11.22 19.55 -19.47
C LEU A 201 -11.07 20.11 -18.05
N LEU A 202 -10.06 19.63 -17.33
CA LEU A 202 -9.79 20.05 -16.00
C LEU A 202 -8.99 21.36 -15.93
N GLY A 203 -8.53 21.85 -17.07
CA GLY A 203 -7.68 23.07 -17.08
C GLY A 203 -6.18 22.77 -17.18
N GLY A 204 -5.79 21.50 -17.46
CA GLY A 204 -4.36 21.17 -17.61
C GLY A 204 -3.97 21.35 -19.08
N ASP A 205 -2.78 20.86 -19.46
CA ASP A 205 -2.08 21.37 -20.64
C ASP A 205 -1.70 20.36 -21.70
N GLY A 206 -1.89 19.09 -21.42
CA GLY A 206 -1.65 18.10 -22.46
C GLY A 206 -1.15 16.79 -21.87
N ALA A 207 -0.35 16.05 -22.63
CA ALA A 207 0.11 14.72 -22.21
C ALA A 207 1.47 14.40 -22.79
N ILE A 208 2.24 13.67 -21.99
CA ILE A 208 3.41 13.03 -22.42
C ILE A 208 3.02 11.57 -22.25
N SER A 209 2.64 10.86 -23.31
CA SER A 209 2.20 9.49 -23.08
C SER A 209 2.65 8.55 -24.18
N ALA A 210 2.80 7.29 -23.85
CA ALA A 210 3.44 6.28 -24.73
C ALA A 210 2.89 6.25 -26.16
N SER A 211 1.58 6.42 -26.33
CA SER A 211 0.95 6.25 -27.68
C SER A 211 1.37 7.38 -28.58
N GLY A 212 1.95 8.42 -27.98
CA GLY A 212 2.61 9.45 -28.80
C GLY A 212 3.66 8.85 -29.76
N ASN A 213 4.27 7.70 -29.45
CA ASN A 213 5.22 7.02 -30.37
C ASN A 213 4.66 6.37 -31.62
N PHE A 214 3.49 5.72 -31.48
CA PHE A 214 2.98 4.91 -32.56
C PHE A 214 1.65 5.43 -33.12
N ALA A 215 1.01 6.37 -32.43
CA ALA A 215 -0.27 6.97 -32.90
C ALA A 215 -0.36 8.38 -32.41
N PRO A 216 0.67 9.20 -32.65
CA PRO A 216 0.65 10.59 -32.25
C PRO A 216 -0.58 11.37 -32.81
N GLN A 217 -1.08 10.97 -34.00
CA GLN A 217 -2.18 11.69 -34.65
C GLN A 217 -3.40 11.69 -33.78
N VAL A 218 -3.59 10.64 -32.98
CA VAL A 218 -4.79 10.56 -32.15
C VAL A 218 -4.75 11.65 -31.11
N SER A 219 -3.59 11.83 -30.45
CA SER A 219 -3.46 12.85 -29.44
C SER A 219 -3.38 14.21 -30.10
N VAL A 220 -2.65 14.28 -31.23
CA VAL A 220 -2.51 15.60 -31.87
C VAL A 220 -3.91 16.14 -32.32
N ASN A 221 -4.72 15.24 -32.86
CA ASN A 221 -6.02 15.62 -33.41
C ASN A 221 -7.00 15.87 -32.29
N LEU A 222 -6.81 15.15 -31.17
CA LEU A 222 -7.64 15.38 -29.99
C LEU A 222 -7.41 16.79 -29.51
N LEU A 223 -6.14 17.17 -29.33
CA LEU A 223 -5.78 18.50 -28.86
C LEU A 223 -6.28 19.62 -29.80
N LYS A 224 -6.14 19.37 -31.10
CA LYS A 224 -6.56 20.35 -32.14
C LYS A 224 -8.07 20.52 -32.07
N ALA A 225 -8.79 19.40 -32.06
CA ALA A 225 -10.24 19.41 -31.96
C ALA A 225 -10.68 20.18 -30.72
N TRP A 226 -10.07 19.84 -29.57
CA TRP A 226 -10.29 20.60 -28.35
C TRP A 226 -10.06 22.12 -28.49
N ARG A 227 -8.91 22.51 -29.04
CA ARG A 227 -8.62 23.92 -29.16
C ARG A 227 -9.56 24.60 -30.15
N ASP A 228 -10.09 23.83 -31.11
CA ASP A 228 -11.04 24.31 -32.13
C ASP A 228 -12.47 24.42 -31.61
N GLY A 229 -12.72 23.86 -30.41
CA GLY A 229 -14.06 23.87 -29.81
C GLY A 229 -14.90 22.73 -30.36
N ASP A 230 -14.25 21.78 -31.02
CA ASP A 230 -14.97 20.62 -31.46
C ASP A 230 -14.83 19.46 -30.45
N VAL A 231 -15.59 19.60 -29.37
CA VAL A 231 -15.48 18.73 -28.22
C VAL A 231 -15.89 17.34 -28.62
N ALA A 232 -16.86 17.22 -29.52
CA ALA A 232 -17.34 15.90 -29.90
C ALA A 232 -16.27 15.15 -30.66
N LYS A 233 -15.52 15.88 -31.48
CA LYS A 233 -14.44 15.25 -32.21
C LYS A 233 -13.33 14.78 -31.26
N ALA A 234 -12.97 15.67 -30.34
CA ALA A 234 -12.02 15.40 -29.25
C ALA A 234 -12.38 14.14 -28.50
N ALA A 235 -13.65 14.03 -28.11
CA ALA A 235 -14.15 12.88 -27.42
C ALA A 235 -14.00 11.64 -28.26
N GLY A 236 -14.17 11.76 -29.57
CA GLY A 236 -13.99 10.56 -30.39
C GLY A 236 -12.57 10.02 -30.39
N TYR A 237 -11.58 10.93 -30.41
CA TYR A 237 -10.19 10.54 -30.24
C TYR A 237 -9.97 9.97 -28.83
N HIS A 238 -10.60 10.61 -27.84
CA HIS A 238 -10.52 10.13 -26.48
C HIS A 238 -10.93 8.68 -26.40
N GLN A 239 -11.98 8.31 -27.15
CA GLN A 239 -12.48 6.95 -27.09
C GLN A 239 -11.42 5.96 -27.57
N THR A 240 -10.59 6.36 -28.54
CA THR A 240 -9.51 5.48 -28.95
C THR A 240 -8.39 5.39 -27.88
N LEU A 241 -8.07 6.55 -27.26
CA LEU A 241 -7.04 6.64 -26.25
C LEU A 241 -7.41 5.85 -24.97
N LEU A 242 -8.72 5.80 -24.67
CA LEU A 242 -9.26 5.00 -23.57
C LEU A 242 -8.98 3.56 -23.75
N GLN A 243 -8.89 3.11 -24.98
CA GLN A 243 -8.68 1.66 -25.24
C GLN A 243 -7.24 1.26 -25.44
N ILE A 244 -6.42 2.16 -25.96
CA ILE A 244 -5.00 1.87 -26.19
C ILE A 244 -4.26 1.18 -25.01
N PRO A 245 -4.45 1.67 -23.75
CA PRO A 245 -3.60 1.11 -22.68
C PRO A 245 -3.79 -0.37 -22.36
N GLN A 246 -4.82 -1.02 -22.91
CA GLN A 246 -4.93 -2.48 -22.88
C GLN A 246 -3.63 -3.16 -23.25
N MET A 247 -2.98 -2.62 -24.28
CA MET A 247 -1.80 -3.24 -24.83
C MET A 247 -0.60 -3.24 -23.88
N TYR A 248 -0.51 -2.28 -22.97
CA TYR A 248 0.61 -2.18 -22.05
C TYR A 248 0.59 -3.30 -21.02
N GLN A 249 -0.50 -4.08 -20.98
CA GLN A 249 -0.61 -5.20 -20.04
C GLN A 249 0.15 -6.37 -20.61
N LEU A 250 0.59 -6.29 -21.88
CA LEU A 250 1.18 -7.47 -22.52
C LEU A 250 2.55 -7.84 -21.90
N ASP A 251 3.25 -6.89 -21.31
CA ASP A 251 4.51 -7.24 -20.66
C ASP A 251 4.79 -6.17 -19.64
N THR A 252 5.73 -6.42 -18.74
CA THR A 252 6.27 -5.38 -17.85
C THR A 252 7.78 -5.57 -17.70
N PRO A 253 8.60 -4.57 -18.04
CA PRO A 253 8.23 -3.28 -18.66
C PRO A 253 7.57 -3.51 -20.02
N PHE A 254 6.92 -2.48 -20.52
CA PHE A 254 6.21 -2.58 -21.80
C PHE A 254 6.83 -1.70 -22.85
N VAL A 255 8.05 -1.21 -22.63
CA VAL A 255 8.80 -0.53 -23.66
C VAL A 255 8.84 -1.40 -24.93
N ASN A 256 8.91 -2.72 -24.76
CA ASN A 256 8.91 -3.60 -25.92
C ASN A 256 7.62 -3.46 -26.72
N VAL A 257 6.48 -3.43 -26.01
CA VAL A 257 5.16 -3.32 -26.69
C VAL A 257 5.09 -2.03 -27.48
N ILE A 258 5.61 -0.95 -26.90
CA ILE A 258 5.55 0.36 -27.54
C ILE A 258 6.31 0.31 -28.85
N LYS A 259 7.50 -0.29 -28.84
CA LYS A 259 8.33 -0.33 -30.05
C LYS A 259 7.73 -1.27 -31.10
N GLU A 260 7.13 -2.37 -30.64
CA GLU A 260 6.47 -3.29 -31.57
C GLU A 260 5.29 -2.60 -32.26
N ALA A 261 4.66 -1.66 -31.54
CA ALA A 261 3.52 -0.93 -32.07
C ALA A 261 3.99 0.13 -33.07
N ILE A 262 5.14 0.73 -32.79
CA ILE A 262 5.76 1.62 -33.77
C ILE A 262 5.89 0.86 -35.10
N VAL A 263 6.43 -0.34 -35.07
CA VAL A 263 6.60 -1.15 -36.29
C VAL A 263 5.27 -1.52 -36.96
N LEU A 264 4.33 -2.00 -36.15
CA LEU A 264 3.07 -2.43 -36.68
C LEU A 264 2.34 -1.26 -37.34
N CYS A 265 2.55 -0.05 -36.83
CA CYS A 265 1.82 1.15 -37.27
C CYS A 265 2.53 1.86 -38.41
N GLY A 266 3.61 1.26 -38.92
CA GLY A 266 4.15 1.68 -40.24
C GLY A 266 5.61 2.11 -40.26
N ARG A 267 6.31 2.01 -39.13
CA ARG A 267 7.71 2.54 -39.05
C ARG A 267 8.64 1.43 -38.61
N PRO A 268 9.38 0.83 -39.57
CA PRO A 268 10.18 -0.37 -39.27
C PRO A 268 11.48 -0.08 -38.56
N VAL A 269 11.42 -0.05 -37.25
CA VAL A 269 12.62 0.20 -36.49
C VAL A 269 12.95 -1.09 -35.79
N SER A 270 14.21 -1.26 -35.47
CA SER A 270 14.56 -2.29 -34.55
C SER A 270 13.79 -2.13 -33.19
N THR A 271 13.31 -3.25 -32.66
CA THR A 271 12.54 -3.25 -31.43
C THR A 271 13.33 -3.70 -30.19
N HIS A 272 14.65 -3.84 -30.33
CA HIS A 272 15.46 -4.25 -29.23
C HIS A 272 15.23 -3.26 -28.02
N VAL A 273 15.07 -3.85 -26.84
CA VAL A 273 15.02 -3.07 -25.58
C VAL A 273 16.11 -3.62 -24.65
N LEU A 274 16.54 -2.78 -23.71
CA LEU A 274 17.65 -3.12 -22.81
C LEU A 274 17.18 -3.96 -21.63
N PRO A 275 18.03 -4.93 -21.19
CA PRO A 275 17.69 -5.70 -19.95
C PRO A 275 17.52 -4.72 -18.78
N PRO A 276 16.66 -5.04 -17.79
CA PRO A 276 15.93 -6.31 -17.63
C PRO A 276 14.63 -6.45 -18.44
N ALA A 277 14.31 -5.52 -19.34
CA ALA A 277 13.22 -5.74 -20.30
C ALA A 277 13.66 -6.84 -21.29
N SER A 278 12.71 -7.44 -21.99
CA SER A 278 13.02 -8.50 -22.93
C SER A 278 12.07 -8.48 -24.17
N PRO A 279 12.47 -9.17 -25.28
CA PRO A 279 11.66 -9.13 -26.50
C PRO A 279 10.23 -9.58 -26.25
N LEU A 280 9.24 -8.93 -26.88
CA LEU A 280 7.85 -9.44 -26.83
C LEU A 280 7.75 -10.71 -27.69
N ASP A 281 7.13 -11.74 -27.15
CA ASP A 281 7.03 -13.01 -27.83
C ASP A 281 5.95 -12.94 -28.92
N GLU A 282 6.00 -13.88 -29.88
CA GLU A 282 5.17 -13.76 -31.08
C GLU A 282 3.67 -13.82 -30.76
N PRO A 283 3.26 -14.70 -29.83
CA PRO A 283 1.82 -14.68 -29.49
C PRO A 283 1.33 -13.31 -29.04
N ARG A 284 2.14 -12.60 -28.22
CA ARG A 284 1.72 -11.29 -27.73
C ARG A 284 1.87 -10.22 -28.82
N LYS A 285 2.88 -10.36 -29.69
CA LYS A 285 2.97 -9.42 -30.80
C LYS A 285 1.68 -9.55 -31.66
N ALA A 286 1.13 -10.77 -31.77
CA ALA A 286 -0.05 -10.98 -32.64
C ALA A 286 -1.28 -10.37 -32.00
N GLN A 287 -1.38 -10.52 -30.68
CA GLN A 287 -2.37 -9.81 -29.85
C GLN A 287 -2.30 -8.33 -30.03
N LEU A 288 -1.07 -7.81 -29.96
CA LEU A 288 -0.89 -6.41 -30.06
C LEU A 288 -1.50 -6.03 -31.43
N LYS A 289 -1.13 -6.77 -32.45
CA LYS A 289 -1.54 -6.40 -33.81
C LYS A 289 -3.08 -6.37 -33.95
N THR A 290 -3.71 -7.37 -33.35
CA THR A 290 -5.18 -7.44 -33.38
C THR A 290 -5.76 -6.21 -32.71
N LEU A 291 -5.18 -5.81 -31.57
CA LEU A 291 -5.68 -4.60 -30.90
C LEU A 291 -5.54 -3.40 -31.78
N LEU A 292 -4.35 -3.24 -32.36
CA LEU A 292 -4.10 -2.06 -33.16
C LEU A 292 -5.01 -2.04 -34.39
N GLN A 293 -5.21 -3.19 -35.02
CA GLN A 293 -6.22 -3.31 -36.09
C GLN A 293 -7.63 -2.95 -35.60
N GLN A 294 -8.09 -3.54 -34.50
CA GLN A 294 -9.42 -3.14 -33.96
C GLN A 294 -9.55 -1.62 -33.75
N LEU A 295 -8.45 -0.97 -33.37
CA LEU A 295 -8.53 0.47 -33.08
C LEU A 295 -8.28 1.32 -34.30
N LYS A 296 -8.07 0.66 -35.45
CA LYS A 296 -7.87 1.33 -36.74
C LYS A 296 -6.57 2.11 -36.75
N LEU A 297 -5.56 1.52 -36.11
CA LEU A 297 -4.29 2.21 -35.96
C LEU A 297 -3.22 1.69 -36.91
N CYS A 298 -3.44 0.49 -37.45
CA CYS A 298 -2.60 -0.08 -38.52
C CYS A 298 -3.41 -0.87 -39.53
N ALA B 1 27.34 -23.57 4.32
CA ALA B 1 26.62 -22.22 4.26
C ALA B 1 27.61 -21.05 4.16
N LEU B 2 27.43 -20.20 3.15
CA LEU B 2 28.43 -19.19 2.86
C LEU B 2 27.97 -17.87 3.40
N PHE B 3 28.88 -17.01 3.84
CA PHE B 3 28.48 -15.69 4.29
C PHE B 3 27.47 -15.70 5.48
N THR B 4 27.72 -16.55 6.48
CA THR B 4 26.91 -16.51 7.66
C THR B 4 27.55 -15.59 8.73
N GLY B 5 26.78 -15.30 9.78
CA GLY B 5 27.33 -14.53 10.89
C GLY B 5 27.08 -13.03 10.70
N ILE B 6 27.99 -12.21 11.25
CA ILE B 6 27.88 -10.79 11.26
C ILE B 6 28.70 -10.12 10.16
N ILE B 7 28.01 -9.50 9.20
CA ILE B 7 28.64 -8.93 8.01
C ILE B 7 28.14 -7.49 7.80
N PRO B 8 28.89 -6.52 8.32
CA PRO B 8 28.34 -5.18 8.23
C PRO B 8 28.18 -4.64 6.81
N PRO B 9 27.14 -3.84 6.58
CA PRO B 9 27.08 -3.10 5.34
C PRO B 9 27.94 -1.83 5.58
N VAL B 10 29.21 -1.91 5.20
CA VAL B 10 30.19 -0.94 5.57
C VAL B 10 29.84 0.42 4.94
N SER B 11 29.87 1.48 5.77
CA SER B 11 29.76 2.83 5.23
C SER B 11 30.96 3.16 4.31
N THR B 12 30.73 3.88 3.22
CA THR B 12 31.82 4.35 2.36
C THR B 12 32.20 5.74 2.87
N ILE B 13 33.44 5.91 3.29
CA ILE B 13 33.79 7.19 3.88
C ILE B 13 34.27 8.11 2.75
N PHE B 14 33.67 9.31 2.68
CA PHE B 14 33.97 10.29 1.68
C PHE B 14 34.59 11.52 2.32
N THR B 15 35.49 12.17 1.58
CA THR B 15 36.01 13.47 1.99
C THR B 15 34.96 14.55 1.79
N ALA B 16 35.30 15.77 2.22
CA ALA B 16 34.43 16.93 2.04
C ALA B 16 34.08 17.28 0.60
N ASP B 17 34.90 16.88 -0.40
CA ASP B 17 34.48 17.05 -1.82
C ASP B 17 33.87 15.86 -2.44
N GLY B 18 33.41 14.92 -1.64
CA GLY B 18 32.74 13.74 -2.17
C GLY B 18 33.60 12.69 -2.85
N GLN B 19 34.89 12.70 -2.54
CA GLN B 19 35.79 11.63 -3.02
C GLN B 19 35.97 10.56 -1.97
N LEU B 20 36.33 9.35 -2.42
CA LEU B 20 36.56 8.24 -1.55
C LEU B 20 37.63 8.68 -0.58
N ASP B 21 37.34 8.54 0.69
CA ASP B 21 38.30 8.82 1.71
C ASP B 21 38.95 7.48 2.09
N LYS B 22 40.13 7.22 1.53
CA LYS B 22 40.81 5.94 1.69
C LYS B 22 41.32 5.70 3.11
N PRO B 23 42.03 6.68 3.72
CA PRO B 23 42.44 6.44 5.13
C PRO B 23 41.25 6.17 6.07
N GLY B 24 40.17 6.95 5.94
CA GLY B 24 39.01 6.75 6.82
C GLY B 24 38.28 5.44 6.53
N THR B 25 38.08 5.15 5.23
CA THR B 25 37.44 3.86 4.89
C THR B 25 38.34 2.71 5.38
N ALA B 26 39.67 2.81 5.19
CA ALA B 26 40.62 1.78 5.65
C ALA B 26 40.53 1.57 7.16
N ALA B 27 40.50 2.67 7.91
CA ALA B 27 40.47 2.60 9.38
C ALA B 27 39.16 1.92 9.84
N LEU B 28 38.05 2.26 9.18
CA LEU B 28 36.76 1.66 9.49
C LEU B 28 36.77 0.14 9.23
N ILE B 29 37.31 -0.22 8.05
CA ILE B 29 37.46 -1.64 7.73
C ILE B 29 38.29 -2.33 8.81
N ASP B 30 39.40 -1.72 9.20
CA ASP B 30 40.27 -2.34 10.23
C ASP B 30 39.57 -2.44 11.57
N ASP B 31 38.83 -1.40 11.94
CA ASP B 31 38.03 -1.48 13.17
C ASP B 31 37.11 -2.71 13.19
N LEU B 32 36.39 -2.91 12.08
CA LEU B 32 35.34 -3.91 12.00
C LEU B 32 35.97 -5.29 12.02
N ILE B 33 37.04 -5.49 11.25
CA ILE B 33 37.79 -6.77 11.27
C ILE B 33 38.30 -7.11 12.67
N LYS B 34 38.84 -6.11 13.34
CA LYS B 34 39.32 -6.30 14.71
C LYS B 34 38.17 -6.62 15.70
N ALA B 35 36.99 -6.07 15.43
CA ALA B 35 35.78 -6.39 16.21
C ALA B 35 35.35 -7.84 16.05
N GLY B 36 35.87 -8.58 15.05
CA GLY B 36 35.51 -10.02 14.91
C GLY B 36 34.32 -10.32 14.01
N VAL B 37 34.00 -9.41 13.10
CA VAL B 37 32.97 -9.66 12.06
C VAL B 37 33.35 -10.81 11.15
N ASP B 38 32.33 -11.48 10.62
CA ASP B 38 32.52 -12.64 9.77
C ASP B 38 32.68 -12.29 8.32
N GLY B 39 32.62 -11.01 7.96
CA GLY B 39 32.75 -10.63 6.55
C GLY B 39 32.39 -9.18 6.44
N LEU B 40 32.54 -8.60 5.25
CA LEU B 40 32.35 -7.15 5.04
C LEU B 40 31.61 -6.95 3.72
N PHE B 41 30.57 -6.12 3.77
CA PHE B 41 29.76 -5.90 2.63
C PHE B 41 29.88 -4.44 2.18
N PHE B 42 30.52 -4.25 1.03
CA PHE B 42 30.69 -2.88 0.48
C PHE B 42 29.64 -2.58 -0.59
N LEU B 43 29.21 -1.34 -0.65
CA LEU B 43 28.26 -0.87 -1.66
C LEU B 43 26.88 -1.48 -1.52
N GLY B 44 26.49 -1.69 -0.24
CA GLY B 44 25.07 -1.89 0.10
C GLY B 44 24.32 -0.57 0.17
N SER B 45 23.07 -0.60 0.64
CA SER B 45 22.35 0.67 0.79
C SER B 45 23.09 1.62 1.68
N GLY B 46 23.55 1.12 2.82
CA GLY B 46 24.36 1.97 3.76
C GLY B 46 25.68 2.47 3.13
N GLY B 47 26.19 1.72 2.12
CA GLY B 47 27.42 2.09 1.44
C GLY B 47 27.14 3.12 0.33
N GLU B 48 25.88 3.53 0.19
CA GLU B 48 25.44 4.59 -0.77
C GLU B 48 25.61 4.22 -2.24
N PHE B 49 25.43 2.93 -2.58
CA PHE B 49 25.64 2.49 -3.93
C PHE B 49 24.77 3.32 -4.91
N SER B 50 23.58 3.70 -4.47
CA SER B 50 22.64 4.30 -5.38
C SER B 50 22.91 5.78 -5.64
N GLN B 51 23.83 6.35 -4.86
CA GLN B 51 24.24 7.73 -5.09
C GLN B 51 25.59 7.85 -5.83
N LEU B 52 26.13 6.69 -6.26
CA LEU B 52 27.46 6.56 -6.87
C LEU B 52 27.36 6.13 -8.34
N GLY B 53 28.26 6.65 -9.17
CA GLY B 53 28.37 6.20 -10.56
C GLY B 53 29.10 4.88 -10.64
N ALA B 54 28.94 4.21 -11.77
CA ALA B 54 29.58 2.90 -12.01
C ALA B 54 31.10 2.87 -11.80
N GLU B 55 31.79 3.86 -12.34
CA GLU B 55 33.27 3.94 -12.21
C GLU B 55 33.69 4.24 -10.79
N GLU B 56 32.91 5.10 -10.12
CA GLU B 56 33.14 5.29 -8.68
C GLU B 56 32.96 4.00 -7.90
N ARG B 57 31.92 3.23 -8.23
CA ARG B 57 31.68 1.98 -7.51
C ARG B 57 32.79 0.97 -7.75
N LYS B 58 33.32 0.92 -8.98
CA LYS B 58 34.44 -0.01 -9.26
C LYS B 58 35.65 0.38 -8.44
N ALA B 59 35.93 1.69 -8.38
CA ALA B 59 37.09 2.21 -7.64
C ALA B 59 36.94 1.86 -6.17
N ILE B 60 35.74 2.06 -5.62
CA ILE B 60 35.50 1.76 -4.20
C ILE B 60 35.65 0.26 -3.92
N ALA B 61 35.08 -0.56 -4.79
CA ALA B 61 35.14 -1.99 -4.58
C ALA B 61 36.59 -2.44 -4.61
N ARG B 62 37.30 -2.06 -5.66
CA ARG B 62 38.69 -2.48 -5.78
C ARG B 62 39.49 -2.05 -4.54
N PHE B 63 39.36 -0.76 -4.17
CA PHE B 63 40.03 -0.28 -2.97
C PHE B 63 39.71 -1.13 -1.74
N ALA B 64 38.45 -1.46 -1.59
CA ALA B 64 38.01 -2.12 -0.35
C ALA B 64 38.51 -3.57 -0.33
N ILE B 65 38.37 -4.25 -1.45
CA ILE B 65 38.82 -5.65 -1.55
C ILE B 65 40.33 -5.71 -1.23
N ASP B 66 41.07 -4.79 -1.85
CA ASP B 66 42.52 -4.74 -1.63
C ASP B 66 42.88 -4.46 -0.20
N HIS B 67 42.21 -3.48 0.42
CA HIS B 67 42.50 -3.20 1.80
C HIS B 67 42.15 -4.36 2.72
N VAL B 68 40.99 -5.01 2.53
CA VAL B 68 40.67 -6.16 3.34
C VAL B 68 41.74 -7.26 3.21
N ASP B 69 42.26 -7.43 1.99
CA ASP B 69 43.40 -8.31 1.73
C ASP B 69 43.13 -9.74 2.22
N ARG B 70 41.92 -10.24 1.92
CA ARG B 70 41.49 -11.57 2.32
C ARG B 70 41.36 -11.91 3.83
N ARG B 71 41.41 -10.89 4.70
CA ARG B 71 41.30 -11.17 6.15
C ARG B 71 39.94 -11.72 6.53
N VAL B 72 38.90 -11.31 5.79
CA VAL B 72 37.54 -11.83 5.98
C VAL B 72 36.86 -11.86 4.62
N PRO B 73 35.77 -12.61 4.49
CA PRO B 73 35.09 -12.65 3.19
C PRO B 73 34.57 -11.23 2.82
N VAL B 74 34.63 -10.91 1.53
CA VAL B 74 34.17 -9.58 1.08
C VAL B 74 33.01 -9.76 0.10
N LEU B 75 31.94 -8.98 0.31
CA LEU B 75 30.82 -8.96 -0.63
C LEU B 75 30.78 -7.60 -1.26
N ILE B 76 30.44 -7.53 -2.54
CA ILE B 76 30.27 -6.28 -3.21
C ILE B 76 28.83 -6.19 -3.74
N GLY B 77 28.15 -5.09 -3.41
CA GLY B 77 26.83 -4.82 -3.95
C GLY B 77 26.94 -4.31 -5.36
N THR B 78 26.34 -5.01 -6.32
CA THR B 78 26.57 -4.65 -7.73
C THR B 78 25.28 -4.29 -8.44
N GLY B 79 24.19 -4.25 -7.70
CA GLY B 79 22.86 -4.07 -8.26
C GLY B 79 22.48 -2.63 -8.58
N GLY B 80 21.32 -2.49 -9.19
CA GLY B 80 20.80 -1.17 -9.62
C GLY B 80 19.65 -1.45 -10.56
N THR B 81 19.31 -0.49 -11.42
CA THR B 81 18.30 -0.65 -12.45
C THR B 81 18.87 -1.02 -13.81
N ASN B 82 20.12 -0.63 -14.06
CA ASN B 82 20.78 -0.89 -15.35
C ASN B 82 21.40 -2.29 -15.27
N ALA B 83 20.69 -3.25 -15.80
CA ALA B 83 21.10 -4.65 -15.77
C ALA B 83 22.45 -4.89 -16.47
N ARG B 84 22.72 -4.21 -17.58
CA ARG B 84 24.04 -4.35 -18.27
C ARG B 84 25.14 -3.85 -17.31
N GLU B 85 24.85 -2.81 -16.58
CA GLU B 85 25.81 -2.35 -15.59
C GLU B 85 25.96 -3.32 -14.41
N THR B 86 24.86 -3.95 -13.99
CA THR B 86 25.00 -4.97 -12.95
C THR B 86 26.01 -6.09 -13.38
N ILE B 87 25.88 -6.59 -14.60
CA ILE B 87 26.86 -7.61 -15.07
C ILE B 87 28.31 -7.06 -15.03
N GLU B 88 28.48 -5.86 -15.57
CA GLU B 88 29.78 -5.24 -15.60
C GLU B 88 30.38 -5.11 -14.19
N LEU B 89 29.58 -4.62 -13.24
CA LEU B 89 30.03 -4.42 -11.87
C LEU B 89 30.31 -5.76 -11.19
N SER B 90 29.49 -6.77 -11.49
CA SER B 90 29.66 -8.09 -10.93
C SER B 90 30.93 -8.79 -11.48
N GLN B 91 31.13 -8.73 -12.80
CA GLN B 91 32.36 -9.29 -13.43
C GLN B 91 33.59 -8.54 -12.87
N HIS B 92 33.46 -7.23 -12.74
CA HIS B 92 34.52 -6.44 -12.18
C HIS B 92 34.81 -6.85 -10.74
N ALA B 93 33.75 -7.11 -9.94
CA ALA B 93 33.98 -7.54 -8.57
C ALA B 93 34.75 -8.86 -8.52
N GLN B 94 34.33 -9.78 -9.35
CA GLN B 94 35.03 -11.05 -9.46
C GLN B 94 36.50 -10.84 -9.88
N GLN B 95 36.74 -10.12 -10.97
CA GLN B 95 38.13 -9.84 -11.40
C GLN B 95 38.97 -9.18 -10.29
N ALA B 96 38.38 -8.26 -9.53
CA ALA B 96 39.16 -7.52 -8.52
C ALA B 96 39.39 -8.36 -7.24
N GLY B 97 38.74 -9.53 -7.13
CA GLY B 97 39.05 -10.43 -6.03
C GLY B 97 37.98 -10.56 -4.92
N ALA B 98 36.77 -10.04 -5.20
CA ALA B 98 35.64 -10.18 -4.24
C ALA B 98 35.33 -11.67 -4.02
N ASP B 99 34.80 -11.99 -2.84
CA ASP B 99 34.36 -13.34 -2.55
C ASP B 99 32.91 -13.61 -2.93
N GLY B 100 32.12 -12.53 -3.18
CA GLY B 100 30.71 -12.69 -3.55
C GLY B 100 30.10 -11.36 -3.91
N ILE B 101 28.95 -11.40 -4.54
CA ILE B 101 28.23 -10.21 -4.87
C ILE B 101 26.84 -10.24 -4.22
N VAL B 102 26.28 -9.05 -3.96
CA VAL B 102 24.94 -8.95 -3.40
C VAL B 102 24.12 -8.16 -4.43
N VAL B 103 22.98 -8.69 -4.84
CA VAL B 103 22.23 -8.13 -5.94
C VAL B 103 20.75 -7.92 -5.56
N ILE B 104 20.35 -6.65 -5.50
CA ILE B 104 18.99 -6.29 -5.27
C ILE B 104 18.21 -6.50 -6.59
N ASN B 105 16.90 -6.58 -6.50
CA ASN B 105 16.08 -6.55 -7.68
C ASN B 105 15.99 -5.10 -8.20
N PRO B 106 15.79 -4.92 -9.51
CA PRO B 106 15.61 -3.63 -10.10
C PRO B 106 14.47 -2.91 -9.46
N TYR B 107 14.70 -1.66 -9.08
CA TYR B 107 13.81 -0.98 -8.18
C TYR B 107 13.13 0.27 -8.81
N TYR B 108 13.32 0.51 -10.09
CA TYR B 108 12.52 1.54 -10.77
C TYR B 108 11.29 0.82 -11.31
N TRP B 109 11.37 0.28 -12.53
CA TRP B 109 10.36 -0.69 -13.01
C TRP B 109 10.33 -1.90 -12.08
N LYS B 110 9.12 -2.35 -11.75
CA LYS B 110 8.93 -3.63 -11.05
C LYS B 110 8.60 -4.65 -12.15
N VAL B 111 9.64 -5.27 -12.61
CA VAL B 111 9.65 -6.12 -13.77
C VAL B 111 8.82 -7.42 -13.50
N SER B 112 8.19 -7.94 -14.54
CA SER B 112 7.36 -9.10 -14.42
C SER B 112 8.18 -10.20 -13.79
N GLU B 113 7.52 -11.21 -13.24
CA GLU B 113 8.23 -12.31 -12.62
C GLU B 113 9.17 -13.03 -13.59
N ALA B 114 8.73 -13.23 -14.85
CA ALA B 114 9.58 -13.87 -15.84
C ALA B 114 10.85 -13.04 -16.08
N ASN B 115 10.69 -11.72 -16.27
CA ASN B 115 11.90 -10.86 -16.46
C ASN B 115 12.81 -10.84 -15.22
N LEU B 116 12.21 -10.98 -14.06
CA LEU B 116 12.95 -10.90 -12.79
C LEU B 116 13.81 -12.15 -12.54
N ILE B 117 13.21 -13.30 -12.82
CA ILE B 117 13.96 -14.56 -12.77
C ILE B 117 15.08 -14.54 -13.79
N ARG B 118 14.75 -14.14 -15.03
CA ARG B 118 15.74 -14.06 -16.08
C ARG B 118 16.89 -13.14 -15.64
N TYR B 119 16.54 -11.96 -15.11
CA TYR B 119 17.54 -11.01 -14.62
C TYR B 119 18.55 -11.63 -13.62
N PHE B 120 18.04 -12.29 -12.60
CA PHE B 120 18.95 -12.87 -11.60
C PHE B 120 19.72 -14.06 -12.19
N GLU B 121 19.07 -14.83 -13.07
CA GLU B 121 19.77 -15.96 -13.72
C GLU B 121 20.93 -15.47 -14.56
N GLN B 122 20.71 -14.38 -15.31
CA GLN B 122 21.72 -13.75 -16.14
C GLN B 122 22.85 -13.18 -15.29
N VAL B 123 22.49 -12.54 -14.17
CA VAL B 123 23.57 -12.04 -13.34
C VAL B 123 24.38 -13.20 -12.77
N ALA B 124 23.67 -14.20 -12.29
CA ALA B 124 24.32 -15.35 -11.70
C ALA B 124 25.23 -16.06 -12.72
N ASP B 125 24.81 -16.09 -13.98
CA ASP B 125 25.57 -16.75 -15.03
C ASP B 125 26.78 -15.92 -15.42
N SER B 126 26.82 -14.62 -15.08
CA SER B 126 27.89 -13.73 -15.53
C SER B 126 29.12 -13.88 -14.71
N VAL B 127 29.00 -14.53 -13.55
CA VAL B 127 30.15 -14.67 -12.66
C VAL B 127 30.24 -16.07 -12.16
N THR B 128 31.39 -16.51 -11.70
CA THR B 128 31.40 -17.78 -10.94
C THR B 128 31.28 -17.59 -9.42
N LEU B 129 31.32 -16.35 -8.98
CA LEU B 129 31.16 -16.02 -7.57
C LEU B 129 29.79 -16.44 -6.99
N PRO B 130 29.75 -16.78 -5.72
CA PRO B 130 28.49 -16.79 -4.98
C PRO B 130 27.67 -15.50 -5.08
N VAL B 131 26.37 -15.67 -5.21
CA VAL B 131 25.48 -14.51 -5.31
C VAL B 131 24.52 -14.50 -4.11
N MET B 132 24.48 -13.39 -3.42
CA MET B 132 23.48 -13.19 -2.42
C MET B 132 22.38 -12.26 -2.97
N LEU B 133 21.11 -12.67 -2.83
CA LEU B 133 20.05 -11.79 -3.24
C LEU B 133 19.86 -10.71 -2.15
N TYR B 134 19.18 -9.62 -2.51
CA TYR B 134 19.01 -8.54 -1.57
C TYR B 134 17.56 -8.10 -1.71
N ASN B 135 16.76 -8.37 -0.67
CA ASN B 135 15.35 -7.97 -0.66
C ASN B 135 15.22 -6.72 0.20
N PHE B 136 14.60 -5.68 -0.32
CA PHE B 136 14.36 -4.45 0.50
C PHE B 136 13.08 -3.79 -0.03
N PRO B 137 11.93 -4.44 0.21
CA PRO B 137 10.69 -4.09 -0.47
C PRO B 137 10.18 -2.68 -0.11
N ALA B 138 10.54 -2.16 1.07
CA ALA B 138 10.18 -0.78 1.41
C ALA B 138 10.77 0.18 0.41
N LEU B 139 11.96 -0.12 -0.11
CA LEU B 139 12.61 0.75 -1.12
C LEU B 139 12.33 0.31 -2.55
N THR B 140 12.42 -0.98 -2.81
CA THR B 140 12.18 -1.48 -4.17
C THR B 140 10.73 -1.47 -4.63
N GLY B 141 9.77 -1.59 -3.71
CA GLY B 141 8.36 -1.69 -4.17
C GLY B 141 8.01 -3.05 -4.75
N GLN B 142 8.93 -4.02 -4.63
CA GLN B 142 8.69 -5.33 -5.18
C GLN B 142 9.36 -6.37 -4.29
N ASP B 143 8.55 -7.17 -3.62
CA ASP B 143 9.08 -8.18 -2.71
C ASP B 143 9.70 -9.38 -3.40
N LEU B 144 10.83 -9.85 -2.91
CA LEU B 144 11.37 -11.15 -3.29
C LEU B 144 10.75 -12.16 -2.33
N THR B 145 9.72 -12.84 -2.79
CA THR B 145 8.94 -13.69 -1.89
C THR B 145 9.75 -14.96 -1.62
N PRO B 146 9.53 -15.60 -0.48
CA PRO B 146 10.17 -16.93 -0.24
C PRO B 146 10.05 -17.92 -1.42
N ALA B 147 8.89 -17.99 -2.05
CA ALA B 147 8.64 -18.91 -3.19
C ALA B 147 9.51 -18.56 -4.37
N LEU B 148 9.62 -17.28 -4.67
CA LEU B 148 10.51 -16.85 -5.74
C LEU B 148 11.98 -17.07 -5.41
N VAL B 149 12.36 -16.76 -4.18
CA VAL B 149 13.76 -16.98 -3.83
C VAL B 149 14.06 -18.49 -3.93
N LYS B 150 13.17 -19.32 -3.45
CA LYS B 150 13.36 -20.77 -3.64
C LYS B 150 13.53 -21.18 -5.14
N THR B 151 12.64 -20.74 -6.00
CA THR B 151 12.75 -20.90 -7.45
C THR B 151 14.17 -20.42 -7.95
N LEU B 152 14.65 -19.25 -7.54
CA LEU B 152 15.99 -18.82 -7.92
C LEU B 152 17.13 -19.72 -7.40
N ALA B 153 17.02 -20.22 -6.15
CA ALA B 153 18.04 -21.13 -5.63
C ALA B 153 17.95 -22.50 -6.33
N ASP B 154 16.74 -22.96 -6.70
CA ASP B 154 16.58 -24.20 -7.51
C ASP B 154 17.24 -24.00 -8.89
N SER B 155 17.19 -22.79 -9.44
CA SER B 155 17.64 -22.57 -10.85
C SER B 155 19.16 -22.41 -10.99
N ARG B 156 19.78 -21.79 -10.01
CA ARG B 156 21.21 -21.50 -10.11
C ARG B 156 21.95 -21.83 -8.80
N SER B 157 22.92 -22.72 -8.88
CA SER B 157 23.58 -23.21 -7.69
C SER B 157 24.53 -22.20 -7.08
N ASN B 158 24.87 -21.15 -7.80
CA ASN B 158 25.60 -20.05 -7.17
C ASN B 158 24.71 -18.93 -6.52
N ILE B 159 23.38 -19.04 -6.60
CA ILE B 159 22.48 -18.15 -5.82
C ILE B 159 22.30 -18.81 -4.46
N ILE B 160 23.05 -18.32 -3.47
CA ILE B 160 23.24 -19.07 -2.23
C ILE B 160 22.80 -18.40 -0.93
N GLY B 161 22.11 -17.28 -1.05
CA GLY B 161 21.63 -16.61 0.15
C GLY B 161 20.83 -15.38 -0.17
N ILE B 162 20.39 -14.70 0.89
CA ILE B 162 19.59 -13.50 0.80
C ILE B 162 19.78 -12.62 2.07
N KPI B 163 19.91 -11.38 1.79
CA KPI B 163 19.73 -10.39 2.85
CB KPI B 163 20.68 -9.21 2.53
CG KPI B 163 20.56 -8.03 3.52
CD KPI B 163 21.52 -6.88 3.12
CE KPI B 163 21.08 -5.66 3.94
NZ KPI B 163 21.96 -4.58 3.76
CX1 KPI B 163 21.65 -3.28 4.28
C1 KPI B 163 21.44 -3.16 5.79
CX2 KPI B 163 22.61 -2.26 3.70
O1 KPI B 163 22.85 -1.21 4.30
O2 KPI B 163 23.04 -2.49 2.57
C KPI B 163 18.29 -10.00 2.76
O KPI B 163 17.90 -9.34 1.74
N ASP B 164 17.65 -10.17 3.83
CA ASP B 164 16.18 -9.90 3.82
C ASP B 164 15.94 -8.69 4.72
N THR B 165 15.75 -7.54 4.12
CA THR B 165 15.66 -6.31 4.90
C THR B 165 14.18 -5.94 4.96
N ILE B 166 13.58 -6.23 6.07
CA ILE B 166 12.14 -6.06 6.24
C ILE B 166 11.82 -6.22 7.73
N ASP B 167 11.02 -5.33 8.27
CA ASP B 167 10.59 -5.45 9.68
C ASP B 167 9.42 -6.42 9.73
N SER B 168 9.69 -7.72 9.61
CA SER B 168 8.63 -8.72 9.63
C SER B 168 9.19 -10.08 10.02
N VAL B 169 8.83 -10.52 11.23
CA VAL B 169 9.11 -11.88 11.65
C VAL B 169 8.60 -12.89 10.65
N ALA B 170 7.35 -12.72 10.20
CA ALA B 170 6.72 -13.62 9.24
C ALA B 170 7.57 -13.82 7.98
N HIS B 171 8.03 -12.72 7.40
CA HIS B 171 8.79 -12.84 6.13
C HIS B 171 10.10 -13.64 6.34
N LEU B 172 10.77 -13.35 7.44
CA LEU B 172 12.00 -14.06 7.79
C LEU B 172 11.71 -15.54 8.07
N ARG B 173 10.66 -15.78 8.88
CA ARG B 173 10.30 -17.15 9.20
C ARG B 173 10.01 -17.90 7.92
N SER B 174 9.20 -17.29 7.06
CA SER B 174 8.80 -17.94 5.83
C SER B 174 9.97 -18.08 4.82
N MET B 175 10.85 -17.07 4.74
CA MET B 175 12.09 -17.20 3.92
C MET B 175 12.91 -18.44 4.37
N ILE B 176 13.06 -18.57 5.69
CA ILE B 176 13.80 -19.68 6.27
C ILE B 176 13.13 -21.03 5.95
N HIS B 177 11.84 -21.19 6.28
CA HIS B 177 11.17 -22.46 6.06
C HIS B 177 11.13 -22.86 4.63
N THR B 178 10.76 -21.92 3.75
CA THR B 178 10.62 -22.21 2.35
C THR B 178 12.01 -22.45 1.73
N VAL B 179 12.95 -21.53 1.88
CA VAL B 179 14.16 -21.69 1.07
C VAL B 179 15.09 -22.68 1.80
N LYS B 180 15.30 -22.49 3.11
CA LYS B 180 16.20 -23.43 3.80
C LYS B 180 15.63 -24.83 3.87
N GLY B 181 14.30 -24.95 3.88
CA GLY B 181 13.67 -26.26 3.82
C GLY B 181 14.03 -27.04 2.58
N ALA B 182 14.11 -26.37 1.44
CA ALA B 182 14.57 -27.01 0.19
C ALA B 182 16.08 -27.00 0.01
N HIS B 183 16.79 -26.05 0.64
CA HIS B 183 18.25 -25.83 0.45
C HIS B 183 18.84 -25.49 1.80
N PRO B 184 19.21 -26.53 2.58
CA PRO B 184 19.64 -26.36 3.99
C PRO B 184 20.80 -25.41 4.19
N HIS B 185 21.66 -25.25 3.19
CA HIS B 185 22.84 -24.37 3.37
C HIS B 185 22.64 -23.03 2.67
N PHE B 186 21.42 -22.78 2.21
CA PHE B 186 21.11 -21.47 1.67
C PHE B 186 21.21 -20.47 2.82
N THR B 187 21.82 -19.35 2.59
CA THR B 187 22.06 -18.47 3.74
C THR B 187 20.96 -17.38 3.90
N VAL B 188 20.37 -17.27 5.05
CA VAL B 188 19.40 -16.20 5.32
C VAL B 188 19.90 -15.18 6.31
N LEU B 189 20.10 -13.94 5.89
CA LEU B 189 20.61 -12.88 6.79
C LEU B 189 19.58 -11.78 6.85
N CYS B 190 19.30 -11.22 8.05
CA CYS B 190 18.29 -10.16 8.14
C CYS B 190 19.03 -8.87 7.90
N GLY B 191 18.33 -7.83 7.43
CA GLY B 191 18.98 -6.59 7.17
C GLY B 191 18.76 -5.56 8.24
N TYR B 192 18.04 -5.92 9.31
CA TYR B 192 17.77 -4.99 10.40
C TYR B 192 18.33 -5.49 11.73
N ASP B 193 18.92 -4.56 12.48
CA ASP B 193 19.62 -4.90 13.73
C ASP B 193 18.69 -5.68 14.67
N ASP B 194 17.42 -5.27 14.74
CA ASP B 194 16.52 -5.75 15.78
C ASP B 194 15.85 -7.06 15.36
N HIS B 195 16.32 -7.60 14.25
CA HIS B 195 15.88 -8.93 13.85
C HIS B 195 16.92 -10.04 13.93
N LEU B 196 18.13 -9.67 14.32
CA LEU B 196 19.24 -10.64 14.35
C LEU B 196 18.90 -11.84 15.23
N PHE B 197 18.48 -11.55 16.47
CA PHE B 197 18.20 -12.57 17.46
C PHE B 197 17.11 -13.54 17.00
N ASN B 198 16.01 -13.00 16.48
CA ASN B 198 14.90 -13.84 16.00
C ASN B 198 15.34 -14.60 14.78
N THR B 199 16.18 -13.99 13.95
CA THR B 199 16.64 -14.67 12.73
C THR B 199 17.44 -15.92 13.11
N LEU B 200 18.26 -15.81 14.18
CA LEU B 200 19.00 -16.99 14.67
C LEU B 200 18.08 -18.03 15.23
N LEU B 201 17.12 -17.62 16.07
CA LEU B 201 16.24 -18.55 16.73
C LEU B 201 15.29 -19.26 15.75
N LEU B 202 15.03 -18.57 14.65
CA LEU B 202 14.23 -19.08 13.55
C LEU B 202 14.98 -20.11 12.69
N GLY B 203 16.29 -20.19 12.89
CA GLY B 203 17.14 -21.05 12.07
C GLY B 203 17.85 -20.36 10.88
N GLY B 204 17.84 -19.02 10.85
CA GLY B 204 18.67 -18.29 9.89
C GLY B 204 20.11 -18.11 10.35
N ASP B 205 20.84 -17.26 9.65
CA ASP B 205 22.30 -17.31 9.71
C ASP B 205 23.06 -16.07 10.18
N GLY B 206 22.35 -14.99 10.50
CA GLY B 206 23.05 -13.78 10.93
C GLY B 206 22.39 -12.52 10.38
N ALA B 207 23.18 -11.45 10.28
CA ALA B 207 22.63 -10.14 9.86
C ALA B 207 23.65 -9.33 9.12
N ILE B 208 23.13 -8.53 8.19
CA ILE B 208 23.87 -7.48 7.57
C ILE B 208 23.10 -6.28 8.03
N SER B 209 23.55 -5.58 9.09
CA SER B 209 22.76 -4.43 9.57
C SER B 209 23.56 -3.20 9.96
N ALA B 210 22.94 -2.03 9.87
CA ALA B 210 23.70 -0.77 10.01
C ALA B 210 24.59 -0.67 11.26
N SER B 211 24.16 -1.25 12.37
CA SER B 211 24.90 -1.05 13.64
C SER B 211 26.20 -1.83 13.65
N GLY B 212 26.38 -2.69 12.64
CA GLY B 212 27.68 -3.31 12.42
C GLY B 212 28.80 -2.29 12.22
N ASN B 213 28.45 -1.10 11.75
CA ASN B 213 29.41 -0.01 11.58
C ASN B 213 29.93 0.62 12.85
N PHE B 214 29.08 0.78 13.85
CA PHE B 214 29.45 1.61 14.98
C PHE B 214 29.39 0.87 16.28
N ALA B 215 28.59 -0.20 16.35
CA ALA B 215 28.64 -1.12 17.49
C ALA B 215 28.70 -2.59 17.08
N PRO B 216 29.69 -2.96 16.24
CA PRO B 216 29.79 -4.39 15.79
C PRO B 216 29.83 -5.40 16.94
N GLN B 217 30.36 -4.96 18.11
CA GLN B 217 30.61 -5.84 19.26
C GLN B 217 29.29 -6.39 19.80
N VAL B 218 28.24 -5.63 19.62
CA VAL B 218 26.96 -6.09 20.13
C VAL B 218 26.49 -7.31 19.29
N SER B 219 26.56 -7.19 17.98
CA SER B 219 26.18 -8.31 17.10
C SER B 219 27.14 -9.47 17.18
N VAL B 220 28.43 -9.15 17.20
CA VAL B 220 29.47 -10.17 17.28
C VAL B 220 29.28 -11.01 18.53
N ASN B 221 29.01 -10.33 19.63
CA ASN B 221 28.95 -10.99 20.94
C ASN B 221 27.63 -11.70 21.03
N LEU B 222 26.57 -11.18 20.39
CA LEU B 222 25.31 -11.89 20.39
C LEU B 222 25.49 -13.21 19.64
N LEU B 223 26.07 -13.13 18.45
CA LEU B 223 26.29 -14.35 17.68
C LEU B 223 27.15 -15.38 18.45
N LYS B 224 28.22 -14.90 19.07
CA LYS B 224 29.12 -15.74 19.87
C LYS B 224 28.39 -16.40 21.04
N ALA B 225 27.69 -15.60 21.84
CA ALA B 225 26.81 -16.10 22.89
C ALA B 225 25.84 -17.20 22.39
N TRP B 226 25.17 -16.90 21.28
CA TRP B 226 24.23 -17.83 20.71
C TRP B 226 24.91 -19.17 20.31
N ARG B 227 26.01 -19.05 19.58
CA ARG B 227 26.80 -20.21 19.24
C ARG B 227 27.42 -21.00 20.45
N ASP B 228 27.65 -20.29 21.57
CA ASP B 228 28.14 -20.92 22.79
C ASP B 228 26.99 -21.57 23.56
N GLY B 229 25.74 -21.35 23.11
CA GLY B 229 24.55 -21.76 23.85
C GLY B 229 24.18 -20.91 25.07
N ASP B 230 24.70 -19.70 25.13
CA ASP B 230 24.38 -18.83 26.22
C ASP B 230 23.29 -17.88 25.71
N VAL B 231 22.09 -18.41 25.71
CA VAL B 231 20.93 -17.71 25.16
C VAL B 231 20.58 -16.46 25.94
N ALA B 232 20.77 -16.51 27.25
CA ALA B 232 20.49 -15.37 28.09
C ALA B 232 21.41 -14.24 27.77
N LYS B 233 22.70 -14.55 27.54
CA LYS B 233 23.65 -13.48 27.21
C LYS B 233 23.25 -12.88 25.82
N ALA B 234 22.92 -13.76 24.88
CA ALA B 234 22.51 -13.35 23.57
C ALA B 234 21.26 -12.41 23.59
N ALA B 235 20.31 -12.75 24.44
CA ALA B 235 19.13 -11.97 24.69
C ALA B 235 19.47 -10.61 25.29
N GLY B 236 20.51 -10.57 26.12
CA GLY B 236 20.96 -9.30 26.67
C GLY B 236 21.43 -8.38 25.56
N TYR B 237 22.27 -8.90 24.66
CA TYR B 237 22.70 -8.13 23.46
C TYR B 237 21.52 -7.72 22.58
N HIS B 238 20.56 -8.63 22.42
CA HIS B 238 19.37 -8.38 21.61
C HIS B 238 18.65 -7.14 22.16
N GLN B 239 18.63 -7.04 23.49
CA GLN B 239 17.91 -5.94 24.12
C GLN B 239 18.48 -4.56 23.71
N THR B 240 19.79 -4.49 23.53
CA THR B 240 20.43 -3.28 22.98
C THR B 240 20.00 -3.11 21.52
N LEU B 241 20.05 -4.22 20.77
CA LEU B 241 19.76 -4.19 19.35
C LEU B 241 18.33 -3.75 19.04
N LEU B 242 17.41 -4.14 19.91
CA LEU B 242 16.01 -3.71 19.89
C LEU B 242 15.85 -2.19 19.95
N GLN B 243 16.78 -1.54 20.64
CA GLN B 243 16.71 -0.10 20.84
C GLN B 243 17.45 0.72 19.83
N ILE B 244 18.51 0.15 19.26
CA ILE B 244 19.34 0.92 18.33
C ILE B 244 18.57 1.61 17.20
N PRO B 245 17.63 0.91 16.55
CA PRO B 245 17.01 1.53 15.37
C PRO B 245 16.18 2.79 15.62
N GLN B 246 15.96 3.18 16.89
CA GLN B 246 15.41 4.53 17.18
C GLN B 246 16.16 5.60 16.36
N MET B 247 17.47 5.44 16.27
CA MET B 247 18.32 6.49 15.73
C MET B 247 18.14 6.66 14.24
N TYR B 248 17.63 5.63 13.58
CA TYR B 248 17.47 5.72 12.14
C TYR B 248 16.30 6.59 11.71
N GLN B 249 15.42 6.94 12.64
CA GLN B 249 14.37 7.88 12.39
C GLN B 249 14.93 9.31 12.29
N LEU B 250 16.19 9.53 12.65
CA LEU B 250 16.67 10.92 12.76
C LEU B 250 16.70 11.60 11.39
N ASP B 251 16.86 10.83 10.33
CA ASP B 251 16.86 11.41 9.00
C ASP B 251 16.50 10.32 7.96
N THR B 252 16.07 10.72 6.78
CA THR B 252 15.96 9.77 5.66
C THR B 252 16.59 10.39 4.39
N PRO B 253 17.60 9.76 3.81
CA PRO B 253 18.32 8.56 4.23
C PRO B 253 19.05 8.80 5.54
N PHE B 254 19.40 7.72 6.23
CA PHE B 254 20.03 7.89 7.49
C PHE B 254 21.48 7.43 7.39
N VAL B 255 22.02 7.34 6.18
CA VAL B 255 23.47 7.09 6.01
C VAL B 255 24.33 8.14 6.81
N ASN B 256 23.83 9.36 6.93
CA ASN B 256 24.48 10.36 7.75
C ASN B 256 24.51 9.98 9.21
N VAL B 257 23.38 9.52 9.74
CA VAL B 257 23.25 9.07 11.13
C VAL B 257 24.26 7.96 11.42
N ILE B 258 24.35 6.98 10.54
CA ILE B 258 25.28 5.88 10.76
C ILE B 258 26.75 6.39 10.87
N LYS B 259 27.14 7.24 9.97
CA LYS B 259 28.51 7.76 10.00
C LYS B 259 28.71 8.64 11.23
N GLU B 260 27.69 9.46 11.61
CA GLU B 260 27.80 10.23 12.85
C GLU B 260 28.01 9.30 14.05
N ALA B 261 27.37 8.11 14.03
CA ALA B 261 27.48 7.18 15.13
C ALA B 261 28.88 6.54 15.17
N ILE B 262 29.49 6.33 14.01
CA ILE B 262 30.82 5.80 13.95
C ILE B 262 31.75 6.77 14.63
N VAL B 263 31.60 8.05 14.36
CA VAL B 263 32.42 9.06 15.04
C VAL B 263 32.22 9.10 16.61
N LEU B 264 30.97 9.13 17.02
CA LEU B 264 30.61 9.20 18.41
C LEU B 264 31.06 7.96 19.10
N CYS B 265 31.11 6.83 18.40
CA CYS B 265 31.54 5.59 19.05
C CYS B 265 33.05 5.38 19.06
N GLY B 266 33.80 6.34 18.52
CA GLY B 266 35.21 6.40 18.77
C GLY B 266 36.13 6.39 17.56
N ARG B 267 35.56 6.45 16.35
CA ARG B 267 36.33 6.42 15.14
C ARG B 267 36.10 7.70 14.33
N PRO B 268 37.07 8.62 14.37
CA PRO B 268 36.86 9.93 13.75
C PRO B 268 37.02 9.90 12.24
N VAL B 269 35.93 9.73 11.51
CA VAL B 269 35.98 9.73 10.06
C VAL B 269 35.20 10.92 9.64
N SER B 270 35.50 11.43 8.47
CA SER B 270 34.62 12.34 7.77
C SER B 270 33.24 11.68 7.65
N THR B 271 32.21 12.46 7.98
CA THR B 271 30.81 12.02 7.86
C THR B 271 30.12 12.51 6.57
N HIS B 272 30.87 13.14 5.67
CA HIS B 272 30.25 13.54 4.41
C HIS B 272 29.43 12.38 3.80
N VAL B 273 28.26 12.72 3.24
CA VAL B 273 27.39 11.76 2.56
C VAL B 273 27.03 12.41 1.22
N LEU B 274 26.64 11.59 0.23
CA LEU B 274 26.35 12.08 -1.11
C LEU B 274 24.90 12.52 -1.24
N PRO B 275 24.66 13.59 -2.00
CA PRO B 275 23.30 13.97 -2.36
C PRO B 275 22.55 12.82 -3.08
N PRO B 276 21.24 12.68 -2.80
CA PRO B 276 20.34 13.60 -2.09
C PRO B 276 20.31 13.47 -0.56
N ALA B 277 21.11 12.58 0.05
CA ALA B 277 21.29 12.69 1.51
C ALA B 277 22.01 14.04 1.86
N SER B 278 22.03 14.40 3.14
CA SER B 278 22.63 15.66 3.57
C SER B 278 23.14 15.53 5.00
N PRO B 279 24.00 16.47 5.42
CA PRO B 279 24.62 16.40 6.75
C PRO B 279 23.57 16.38 7.83
N LEU B 280 23.80 15.61 8.88
CA LEU B 280 22.89 15.64 10.01
C LEU B 280 23.10 16.97 10.79
N ASP B 281 22.03 17.66 11.16
CA ASP B 281 22.14 18.93 11.89
C ASP B 281 22.57 18.70 13.33
N GLU B 282 23.08 19.73 13.99
CA GLU B 282 23.61 19.56 15.38
C GLU B 282 22.62 19.03 16.38
N PRO B 283 21.38 19.54 16.38
CA PRO B 283 20.41 19.01 17.37
C PRO B 283 20.26 17.50 17.24
N ARG B 284 20.16 17.00 16.02
CA ARG B 284 19.94 15.59 15.84
C ARG B 284 21.23 14.77 16.13
N LYS B 285 22.38 15.35 15.86
CA LYS B 285 23.64 14.74 16.28
C LYS B 285 23.67 14.56 17.80
N ALA B 286 23.21 15.56 18.57
CA ALA B 286 23.20 15.46 20.04
C ALA B 286 22.18 14.40 20.45
N GLN B 287 21.05 14.34 19.73
CA GLN B 287 20.06 13.34 20.02
C GLN B 287 20.65 11.91 19.84
N LEU B 288 21.32 11.73 18.71
CA LEU B 288 22.02 10.51 18.43
C LEU B 288 22.98 10.16 19.58
N LYS B 289 23.74 11.16 20.05
CA LYS B 289 24.69 11.01 21.13
C LYS B 289 24.01 10.51 22.40
N THR B 290 22.88 11.14 22.77
CA THR B 290 22.17 10.74 24.01
C THR B 290 21.68 9.31 23.89
N LEU B 291 21.18 8.92 22.74
CA LEU B 291 20.79 7.55 22.50
C LEU B 291 21.93 6.56 22.63
N LEU B 292 23.05 6.87 21.97
CA LEU B 292 24.26 6.06 22.13
C LEU B 292 24.75 5.98 23.58
N GLN B 293 24.67 7.09 24.31
CA GLN B 293 25.09 7.10 25.72
C GLN B 293 24.15 6.22 26.57
N GLN B 294 22.84 6.30 26.33
CA GLN B 294 21.87 5.50 27.08
C GLN B 294 22.06 4.00 26.89
N LEU B 295 22.56 3.66 25.70
CA LEU B 295 22.74 2.27 25.37
C LEU B 295 24.14 1.78 25.74
N LYS B 296 24.95 2.70 26.29
CA LYS B 296 26.35 2.42 26.70
C LYS B 296 27.23 2.07 25.51
N LEU B 297 27.04 2.78 24.40
CA LEU B 297 27.78 2.50 23.19
C LEU B 297 28.92 3.52 22.94
N CYS B 298 28.90 4.63 23.67
CA CYS B 298 29.98 5.62 23.59
C CYS B 298 30.13 6.33 24.95
N ALA C 1 -29.52 -5.75 -20.09
CA ALA C 1 -28.69 -5.30 -18.91
C ALA C 1 -29.56 -4.67 -17.83
N LEU C 2 -29.35 -5.06 -16.58
CA LEU C 2 -30.23 -4.59 -15.48
C LEU C 2 -29.60 -3.45 -14.71
N PHE C 3 -30.41 -2.53 -14.17
CA PHE C 3 -29.86 -1.44 -13.41
C PHE C 3 -28.75 -0.67 -14.16
N THR C 4 -29.07 -0.19 -15.37
CA THR C 4 -28.16 0.71 -16.08
C THR C 4 -28.55 2.13 -15.89
N GLY C 5 -27.70 3.06 -16.31
CA GLY C 5 -28.05 4.47 -16.30
C GLY C 5 -27.63 5.10 -15.00
N ILE C 6 -28.39 6.10 -14.57
CA ILE C 6 -28.06 6.90 -13.40
C ILE C 6 -28.87 6.45 -12.20
N ILE C 7 -28.18 5.85 -11.23
CA ILE C 7 -28.81 5.35 -10.04
C ILE C 7 -28.11 5.93 -8.79
N PRO C 8 -28.65 7.03 -8.23
CA PRO C 8 -28.02 7.63 -7.06
C PRO C 8 -27.90 6.70 -5.85
N PRO C 9 -26.77 6.79 -5.15
CA PRO C 9 -26.70 6.22 -3.82
C PRO C 9 -27.36 7.24 -2.86
N VAL C 10 -28.66 7.03 -2.61
CA VAL C 10 -29.47 8.00 -1.91
C VAL C 10 -29.05 8.21 -0.46
N SER C 11 -28.94 9.48 -0.05
CA SER C 11 -28.64 9.80 1.33
C SER C 11 -29.83 9.38 2.19
N THR C 12 -29.56 8.83 3.40
CA THR C 12 -30.62 8.53 4.34
C THR C 12 -30.78 9.76 5.22
N ILE C 13 -32.02 10.30 5.28
CA ILE C 13 -32.18 11.58 6.01
C ILE C 13 -32.59 11.19 7.40
N PHE C 14 -31.87 11.71 8.39
CA PHE C 14 -32.19 11.44 9.81
C PHE C 14 -32.61 12.70 10.55
N THR C 15 -33.45 12.52 11.57
CA THR C 15 -33.74 13.55 12.53
C THR C 15 -32.57 13.65 13.51
N ALA C 16 -32.61 14.68 14.35
CA ALA C 16 -31.49 15.05 15.18
C ALA C 16 -31.18 13.94 16.17
N ASP C 17 -32.15 13.10 16.47
CA ASP C 17 -31.87 12.02 17.40
C ASP C 17 -31.41 10.78 16.64
N GLY C 18 -31.12 10.93 15.38
CA GLY C 18 -30.61 9.83 14.62
C GLY C 18 -31.63 8.81 14.11
N GLN C 19 -32.91 9.15 14.12
CA GLN C 19 -33.91 8.24 13.54
C GLN C 19 -34.16 8.65 12.12
N LEU C 20 -34.63 7.69 11.32
CA LEU C 20 -35.08 7.93 9.96
C LEU C 20 -36.09 9.08 9.86
N ASP C 21 -35.78 10.03 8.98
CA ASP C 21 -36.60 11.18 8.75
C ASP C 21 -37.37 10.80 7.52
N LYS C 22 -38.64 10.44 7.70
CA LYS C 22 -39.42 9.98 6.60
C LYS C 22 -39.82 11.08 5.61
N PRO C 23 -40.33 12.23 6.09
CA PRO C 23 -40.62 13.28 5.11
C PRO C 23 -39.39 13.79 4.34
N GLY C 24 -38.26 13.98 5.03
CA GLY C 24 -37.06 14.40 4.29
C GLY C 24 -36.57 13.36 3.26
N THR C 25 -36.57 12.08 3.67
CA THR C 25 -36.10 11.04 2.79
C THR C 25 -37.09 10.92 1.64
N ALA C 26 -38.40 10.99 1.92
CA ALA C 26 -39.44 10.92 0.85
C ALA C 26 -39.25 12.06 -0.19
N ALA C 27 -39.04 13.26 0.32
CA ALA C 27 -38.89 14.43 -0.53
C ALA C 27 -37.63 14.27 -1.39
N LEU C 28 -36.55 13.78 -0.82
CA LEU C 28 -35.36 13.51 -1.61
C LEU C 28 -35.61 12.47 -2.69
N ILE C 29 -36.18 11.33 -2.30
CA ILE C 29 -36.56 10.30 -3.30
C ILE C 29 -37.38 10.90 -4.48
N ASP C 30 -38.38 11.72 -4.15
CA ASP C 30 -39.28 12.25 -5.15
C ASP C 30 -38.52 13.23 -6.06
N ASP C 31 -37.65 14.07 -5.48
CA ASP C 31 -36.78 14.93 -6.28
C ASP C 31 -35.99 14.11 -7.28
N LEU C 32 -35.36 13.03 -6.82
CA LEU C 32 -34.50 12.25 -7.71
C LEU C 32 -35.28 11.58 -8.84
N ILE C 33 -36.44 10.98 -8.50
CA ILE C 33 -37.33 10.40 -9.52
C ILE C 33 -37.76 11.43 -10.55
N LYS C 34 -38.17 12.59 -10.06
CA LYS C 34 -38.57 13.70 -10.90
C LYS C 34 -37.44 14.21 -11.81
N ALA C 35 -36.20 14.17 -11.30
CA ALA C 35 -35.01 14.50 -12.14
C ALA C 35 -34.72 13.47 -13.25
N GLY C 36 -35.39 12.33 -13.25
CA GLY C 36 -35.20 11.37 -14.34
C GLY C 36 -34.14 10.31 -14.10
N VAL C 37 -33.78 10.09 -12.85
CA VAL C 37 -32.82 8.96 -12.59
C VAL C 37 -33.47 7.62 -13.04
N ASP C 38 -32.61 6.62 -13.27
CA ASP C 38 -33.02 5.32 -13.79
C ASP C 38 -33.22 4.26 -12.68
N GLY C 39 -32.97 4.64 -11.44
CA GLY C 39 -33.18 3.71 -10.30
C GLY C 39 -32.69 4.41 -9.05
N LEU C 40 -32.83 3.78 -7.90
CA LEU C 40 -32.42 4.38 -6.66
C LEU C 40 -31.76 3.31 -5.81
N PHE C 41 -30.65 3.68 -5.17
CA PHE C 41 -29.86 2.77 -4.37
C PHE C 41 -29.84 3.24 -2.93
N PHE C 42 -30.50 2.49 -2.03
CA PHE C 42 -30.56 2.83 -0.61
C PHE C 42 -29.56 2.00 0.16
N LEU C 43 -29.00 2.58 1.21
CA LEU C 43 -28.04 1.88 2.10
C LEU C 43 -26.75 1.44 1.41
N GLY C 44 -26.26 2.32 0.54
CA GLY C 44 -24.87 2.24 0.06
C GLY C 44 -23.99 2.95 1.05
N SER C 45 -22.77 3.22 0.68
CA SER C 45 -21.88 3.95 1.61
C SER C 45 -22.43 5.33 1.91
N GLY C 46 -22.81 6.05 0.88
CA GLY C 46 -23.45 7.36 1.13
C GLY C 46 -24.80 7.29 1.88
N GLY C 47 -25.42 6.12 1.91
CA GLY C 47 -26.64 5.93 2.73
C GLY C 47 -26.36 5.55 4.19
N GLU C 48 -25.05 5.43 4.54
CA GLU C 48 -24.58 5.23 5.92
C GLU C 48 -24.82 3.86 6.46
N PHE C 49 -24.82 2.84 5.56
CA PHE C 49 -25.16 1.46 5.94
C PHE C 49 -24.32 0.99 7.11
N SER C 50 -23.05 1.33 7.10
CA SER C 50 -22.09 0.82 8.09
C SER C 50 -22.17 1.48 9.47
N GLN C 51 -23.00 2.51 9.58
CA GLN C 51 -23.22 3.16 10.88
C GLN C 51 -24.61 2.81 11.45
N LEU C 52 -25.31 1.90 10.77
CA LEU C 52 -26.70 1.56 11.13
C LEU C 52 -26.78 0.15 11.59
N GLY C 53 -27.67 -0.13 12.56
CA GLY C 53 -27.94 -1.55 12.97
C GLY C 53 -28.80 -2.26 11.94
N ALA C 54 -28.85 -3.60 11.99
CA ALA C 54 -29.66 -4.38 11.04
C ALA C 54 -31.15 -4.03 11.05
N GLU C 55 -31.74 -3.88 12.25
CA GLU C 55 -33.20 -3.55 12.33
C GLU C 55 -33.47 -2.16 11.75
N GLU C 56 -32.57 -1.21 12.00
CA GLU C 56 -32.69 0.11 11.40
C GLU C 56 -32.59 -0.02 9.89
N ARG C 57 -31.63 -0.78 9.40
CA ARG C 57 -31.51 -0.96 7.94
C ARG C 57 -32.79 -1.55 7.33
N LYS C 58 -33.35 -2.59 7.97
CA LYS C 58 -34.63 -3.18 7.49
C LYS C 58 -35.76 -2.10 7.40
N ALA C 59 -35.86 -1.33 8.50
CA ALA C 59 -36.87 -0.21 8.51
C ALA C 59 -36.63 0.77 7.41
N ILE C 60 -35.36 1.14 7.21
CA ILE C 60 -35.08 2.10 6.12
C ILE C 60 -35.42 1.57 4.73
N ALA C 61 -35.01 0.34 4.48
CA ALA C 61 -35.22 -0.23 3.20
C ALA C 61 -36.74 -0.35 2.98
N ARG C 62 -37.43 -0.88 3.97
CA ARG C 62 -38.89 -1.05 3.85
C ARG C 62 -39.56 0.31 3.49
N PHE C 63 -39.23 1.34 4.27
CA PHE C 63 -39.76 2.65 3.97
C PHE C 63 -39.46 3.11 2.56
N ALA C 64 -38.19 2.97 2.18
CA ALA C 64 -37.74 3.50 0.88
C ALA C 64 -38.41 2.78 -0.32
N ILE C 65 -38.54 1.47 -0.21
CA ILE C 65 -39.09 0.70 -1.32
C ILE C 65 -40.56 1.11 -1.46
N ASP C 66 -41.20 1.18 -0.31
CA ASP C 66 -42.59 1.56 -0.25
C ASP C 66 -42.83 2.97 -0.82
N HIS C 67 -41.99 3.94 -0.43
CA HIS C 67 -42.21 5.27 -0.95
C HIS C 67 -41.96 5.33 -2.48
N VAL C 68 -40.95 4.61 -2.96
CA VAL C 68 -40.66 4.64 -4.40
C VAL C 68 -41.87 4.03 -5.14
N ASP C 69 -42.51 3.05 -4.53
CA ASP C 69 -43.76 2.50 -5.06
C ASP C 69 -43.63 2.06 -6.52
N ARG C 70 -42.51 1.38 -6.84
CA ARG C 70 -42.22 0.89 -8.20
C ARG C 70 -42.10 1.95 -9.30
N ARG C 71 -41.90 3.22 -8.95
CA ARG C 71 -41.73 4.22 -10.02
C ARG C 71 -40.42 4.06 -10.81
N VAL C 72 -39.39 3.62 -10.08
CA VAL C 72 -38.08 3.30 -10.65
C VAL C 72 -37.59 2.04 -9.92
N PRO C 73 -36.75 1.26 -10.57
CA PRO C 73 -36.06 0.16 -9.91
C PRO C 73 -35.29 0.59 -8.62
N VAL C 74 -35.36 -0.28 -7.62
CA VAL C 74 -34.80 0.00 -6.30
C VAL C 74 -33.75 -1.07 -5.94
N LEU C 75 -32.54 -0.62 -5.55
CA LEU C 75 -31.52 -1.53 -5.00
C LEU C 75 -31.36 -1.28 -3.53
N ILE C 76 -31.16 -2.34 -2.78
CA ILE C 76 -30.86 -2.21 -1.39
C ILE C 76 -29.49 -2.79 -1.13
N GLY C 77 -28.65 -2.00 -0.44
CA GLY C 77 -27.35 -2.49 -0.03
C GLY C 77 -27.50 -3.26 1.26
N THR C 78 -27.06 -4.53 1.23
CA THR C 78 -27.30 -5.49 2.29
C THR C 78 -26.03 -6.03 2.92
N GLY C 79 -24.89 -5.51 2.47
CA GLY C 79 -23.57 -6.00 2.82
C GLY C 79 -23.10 -5.59 4.18
N GLY C 80 -21.98 -6.18 4.56
CA GLY C 80 -21.31 -5.95 5.81
C GLY C 80 -20.28 -7.02 6.02
N THR C 81 -19.90 -7.21 7.31
CA THR C 81 -18.97 -8.24 7.72
C THR C 81 -19.67 -9.55 8.21
N ASN C 82 -20.89 -9.41 8.76
CA ASN C 82 -21.68 -10.53 9.34
C ASN C 82 -22.44 -11.14 8.19
N ALA C 83 -21.90 -12.23 7.69
CA ALA C 83 -22.49 -12.86 6.51
C ALA C 83 -23.91 -13.37 6.72
N ARG C 84 -24.20 -13.90 7.92
CA ARG C 84 -25.57 -14.38 8.29
C ARG C 84 -26.52 -13.18 8.23
N GLU C 85 -26.06 -12.01 8.69
CA GLU C 85 -26.86 -10.78 8.58
C GLU C 85 -27.03 -10.29 7.14
N THR C 86 -26.02 -10.52 6.28
CA THR C 86 -26.21 -10.18 4.88
C THR C 86 -27.36 -11.00 4.24
N ILE C 87 -27.40 -12.30 4.57
CA ILE C 87 -28.44 -13.16 4.02
C ILE C 87 -29.80 -12.65 4.55
N GLU C 88 -29.84 -12.34 5.81
CA GLU C 88 -31.09 -11.86 6.46
C GLU C 88 -31.58 -10.54 5.84
N LEU C 89 -30.70 -9.54 5.76
CA LEU C 89 -31.02 -8.31 5.09
C LEU C 89 -31.41 -8.47 3.64
N SER C 90 -30.75 -9.39 2.91
CA SER C 90 -31.03 -9.59 1.49
C SER C 90 -32.39 -10.32 1.32
N GLN C 91 -32.62 -11.35 2.12
CA GLN C 91 -33.99 -11.99 2.14
C GLN C 91 -35.08 -11.01 2.51
N HIS C 92 -34.81 -10.15 3.49
CA HIS C 92 -35.74 -9.07 3.89
C HIS C 92 -35.93 -8.10 2.76
N ALA C 93 -34.86 -7.74 2.05
CA ALA C 93 -35.04 -6.81 0.93
C ALA C 93 -36.01 -7.39 -0.10
N GLN C 94 -35.78 -8.66 -0.42
CA GLN C 94 -36.56 -9.32 -1.45
C GLN C 94 -38.03 -9.35 -1.03
N GLN C 95 -38.26 -9.82 0.20
CA GLN C 95 -39.62 -9.84 0.81
C GLN C 95 -40.28 -8.45 0.78
N ALA C 96 -39.50 -7.40 0.97
CA ALA C 96 -40.04 -6.05 1.05
C ALA C 96 -40.28 -5.40 -0.27
N GLY C 97 -39.94 -6.06 -1.36
CA GLY C 97 -40.27 -5.49 -2.65
C GLY C 97 -39.09 -4.88 -3.46
N ALA C 98 -37.85 -5.05 -2.97
CA ALA C 98 -36.66 -4.44 -3.66
C ALA C 98 -36.53 -5.04 -5.04
N ASP C 99 -35.99 -4.33 -6.00
CA ASP C 99 -35.71 -4.98 -7.28
C ASP C 99 -34.36 -5.70 -7.34
N GLY C 100 -33.50 -5.41 -6.38
CA GLY C 100 -32.18 -6.04 -6.37
C GLY C 100 -31.40 -5.63 -5.14
N ILE C 101 -30.30 -6.35 -4.90
CA ILE C 101 -29.42 -6.11 -3.77
C ILE C 101 -27.99 -5.78 -4.24
N VAL C 102 -27.28 -5.01 -3.45
CA VAL C 102 -25.93 -4.57 -3.75
C VAL C 102 -25.13 -5.05 -2.61
N VAL C 103 -24.11 -5.85 -2.91
CA VAL C 103 -23.38 -6.54 -1.87
C VAL C 103 -21.85 -6.28 -2.00
N ILE C 104 -21.31 -5.64 -0.98
CA ILE C 104 -19.86 -5.36 -0.94
C ILE C 104 -19.15 -6.61 -0.39
N ASN C 105 -17.84 -6.74 -0.65
CA ASN C 105 -17.08 -7.81 0.03
C ASN C 105 -16.86 -7.48 1.52
N PRO C 106 -16.75 -8.53 2.37
CA PRO C 106 -16.50 -8.31 3.78
C PRO C 106 -15.25 -7.50 3.96
N TYR C 107 -15.34 -6.50 4.84
CA TYR C 107 -14.32 -5.44 4.84
C TYR C 107 -13.55 -5.31 6.13
N TYR C 108 -13.81 -6.22 7.09
CA TYR C 108 -12.88 -6.38 8.20
C TYR C 108 -11.75 -7.40 7.80
N TRP C 109 -11.95 -8.70 8.08
CA TRP C 109 -11.10 -9.76 7.52
C TRP C 109 -11.18 -9.65 6.01
N LYS C 110 -10.03 -9.75 5.34
CA LYS C 110 -9.97 -9.88 3.88
C LYS C 110 -9.85 -11.35 3.70
N VAL C 111 -10.98 -11.94 3.41
CA VAL C 111 -11.16 -13.39 3.42
C VAL C 111 -10.51 -13.94 2.15
N SER C 112 -10.04 -15.17 2.24
CA SER C 112 -9.35 -15.84 1.17
C SER C 112 -10.30 -15.83 0.00
N GLU C 113 -9.74 -15.97 -1.18
CA GLU C 113 -10.51 -16.06 -2.38
C GLU C 113 -11.60 -17.15 -2.34
N ALA C 114 -11.27 -18.36 -1.85
CA ALA C 114 -12.29 -19.42 -1.79
C ALA C 114 -13.43 -18.97 -0.86
N ASN C 115 -13.10 -18.40 0.31
CA ASN C 115 -14.15 -17.87 1.21
C ASN C 115 -14.94 -16.74 0.59
N LEU C 116 -14.29 -15.97 -0.28
CA LEU C 116 -14.94 -14.81 -0.88
C LEU C 116 -15.95 -15.24 -1.94
N ILE C 117 -15.51 -16.16 -2.81
CA ILE C 117 -16.40 -16.72 -3.81
C ILE C 117 -17.59 -17.41 -3.15
N ARG C 118 -17.32 -18.20 -2.11
CA ARG C 118 -18.37 -18.91 -1.42
C ARG C 118 -19.37 -17.95 -0.76
N TYR C 119 -18.88 -16.93 -0.08
CA TYR C 119 -19.72 -15.85 0.41
C TYR C 119 -20.70 -15.26 -0.64
N PHE C 120 -20.13 -14.84 -1.76
CA PHE C 120 -20.99 -14.24 -2.79
C PHE C 120 -21.97 -15.26 -3.37
N GLU C 121 -21.52 -16.51 -3.47
CA GLU C 121 -22.38 -17.55 -4.06
C GLU C 121 -23.55 -17.81 -3.08
N GLN C 122 -23.22 -17.88 -1.80
CA GLN C 122 -24.24 -18.09 -0.76
C GLN C 122 -25.23 -16.93 -0.66
N VAL C 123 -24.73 -15.70 -0.76
CA VAL C 123 -25.62 -14.55 -0.76
C VAL C 123 -26.57 -14.58 -1.97
N ALA C 124 -25.97 -14.83 -3.13
CA ALA C 124 -26.70 -14.95 -4.39
C ALA C 124 -27.76 -16.07 -4.39
N ASP C 125 -27.44 -17.19 -3.76
CA ASP C 125 -28.34 -18.34 -3.59
C ASP C 125 -29.44 -18.14 -2.54
N SER C 126 -29.31 -17.11 -1.68
CA SER C 126 -30.32 -16.88 -0.64
C SER C 126 -31.51 -16.11 -1.17
N VAL C 127 -31.40 -15.55 -2.38
CA VAL C 127 -32.47 -14.75 -2.93
C VAL C 127 -32.68 -15.11 -4.35
N THR C 128 -33.84 -14.77 -4.92
CA THR C 128 -34.01 -14.88 -6.37
C THR C 128 -33.84 -13.56 -7.08
N LEU C 129 -33.58 -12.52 -6.34
CA LEU C 129 -33.34 -11.18 -6.91
C LEU C 129 -32.02 -11.14 -7.67
N PRO C 130 -31.89 -10.19 -8.64
CA PRO C 130 -30.54 -9.86 -9.17
C PRO C 130 -29.60 -9.29 -8.09
N VAL C 131 -28.30 -9.58 -8.20
CA VAL C 131 -27.31 -9.18 -7.20
C VAL C 131 -26.25 -8.34 -7.89
N MET C 132 -26.05 -7.11 -7.39
CA MET C 132 -24.96 -6.26 -7.88
C MET C 132 -23.85 -6.36 -6.87
N LEU C 133 -22.65 -6.60 -7.37
CA LEU C 133 -21.46 -6.57 -6.53
C LEU C 133 -21.07 -5.13 -6.26
N TYR C 134 -20.28 -4.93 -5.22
CA TYR C 134 -19.87 -3.58 -4.91
C TYR C 134 -18.39 -3.65 -4.57
N ASN C 135 -17.59 -2.96 -5.36
CA ASN C 135 -16.19 -2.95 -5.12
C ASN C 135 -15.80 -1.57 -4.65
N PHE C 136 -15.19 -1.45 -3.48
CA PHE C 136 -14.71 -0.14 -2.94
C PHE C 136 -13.40 -0.41 -2.20
N PRO C 137 -12.33 -0.76 -2.97
CA PRO C 137 -11.11 -1.25 -2.32
C PRO C 137 -10.45 -0.20 -1.39
N ALA C 138 -10.60 1.09 -1.68
CA ALA C 138 -10.01 2.12 -0.76
C ALA C 138 -10.52 1.88 0.68
N LEU C 139 -11.78 1.47 0.81
CA LEU C 139 -12.38 1.23 2.15
C LEU C 139 -12.26 -0.20 2.59
N THR C 140 -12.48 -1.16 1.64
CA THR C 140 -12.44 -2.57 1.97
C THR C 140 -11.03 -3.10 2.19
N GLY C 141 -10.01 -2.50 1.54
CA GLY C 141 -8.67 -3.15 1.57
C GLY C 141 -8.60 -4.48 0.81
N GLN C 142 -9.59 -4.76 -0.05
CA GLN C 142 -9.51 -5.98 -0.86
C GLN C 142 -10.29 -5.74 -2.12
N ASP C 143 -9.58 -5.70 -3.23
CA ASP C 143 -10.15 -5.43 -4.53
C ASP C 143 -10.95 -6.64 -5.09
N LEU C 144 -12.13 -6.38 -5.65
CA LEU C 144 -12.79 -7.33 -6.46
C LEU C 144 -12.18 -7.14 -7.87
N THR C 145 -11.20 -7.97 -8.24
CA THR C 145 -10.51 -7.85 -9.52
C THR C 145 -11.46 -8.29 -10.63
N PRO C 146 -11.24 -7.77 -11.83
CA PRO C 146 -12.09 -8.18 -12.96
C PRO C 146 -12.11 -9.71 -13.16
N ALA C 147 -10.98 -10.39 -12.94
CA ALA C 147 -10.95 -11.84 -13.08
C ALA C 147 -11.86 -12.52 -12.06
N LEU C 148 -11.87 -11.98 -10.84
CA LEU C 148 -12.71 -12.54 -9.78
C LEU C 148 -14.18 -12.29 -10.01
N VAL C 149 -14.50 -11.12 -10.54
CA VAL C 149 -15.89 -10.74 -10.85
C VAL C 149 -16.36 -11.58 -12.01
N LYS C 150 -15.53 -11.75 -13.04
CA LYS C 150 -15.85 -12.71 -14.07
C LYS C 150 -16.18 -14.14 -13.53
N THR C 151 -15.29 -14.67 -12.71
CA THR C 151 -15.54 -15.91 -12.00
C THR C 151 -16.87 -15.94 -11.24
N LEU C 152 -17.26 -14.84 -10.55
CA LEU C 152 -18.58 -14.78 -9.90
C LEU C 152 -19.73 -14.74 -10.90
N ALA C 153 -19.59 -13.98 -12.00
CA ALA C 153 -20.65 -13.93 -12.99
C ALA C 153 -20.77 -15.30 -13.68
N ASP C 154 -19.64 -15.99 -13.89
CA ASP C 154 -19.65 -17.35 -14.52
C ASP C 154 -20.36 -18.35 -13.55
N SER C 155 -20.31 -18.09 -12.24
CA SER C 155 -20.80 -19.07 -11.29
C SER C 155 -22.33 -18.94 -11.06
N ARG C 156 -22.83 -17.69 -11.07
CA ARG C 156 -24.26 -17.45 -10.68
C ARG C 156 -24.93 -16.49 -11.61
N SER C 157 -26.02 -16.92 -12.21
CA SER C 157 -26.68 -16.14 -13.24
C SER C 157 -27.39 -14.94 -12.66
N ASN C 158 -27.51 -14.86 -11.36
CA ASN C 158 -28.21 -13.69 -10.78
C ASN C 158 -27.15 -12.64 -10.25
N ILE C 159 -25.87 -12.96 -10.44
CA ILE C 159 -24.84 -11.95 -10.18
C ILE C 159 -24.66 -11.23 -11.53
N ILE C 160 -25.22 -10.03 -11.65
CA ILE C 160 -25.46 -9.44 -12.97
C ILE C 160 -24.87 -8.03 -13.15
N GLY C 161 -24.11 -7.57 -12.14
CA GLY C 161 -23.50 -6.25 -12.31
C GLY C 161 -22.57 -5.91 -11.18
N ILE C 162 -21.96 -4.73 -11.29
CA ILE C 162 -21.06 -4.27 -10.23
C ILE C 162 -21.05 -2.76 -10.18
N KPI C 163 -21.00 -2.23 -9.03
CA KPI C 163 -20.62 -0.85 -8.77
CB KPI C 163 -21.36 -0.42 -7.50
CG KPI C 163 -21.15 1.09 -7.25
CD KPI C 163 -21.76 1.50 -5.91
CE KPI C 163 -21.13 2.85 -5.55
NZ KPI C 163 -21.87 3.41 -4.44
CX1 KPI C 163 -21.41 4.53 -3.66
C1 KPI C 163 -21.15 5.79 -4.45
CX2 KPI C 163 -22.24 4.71 -2.43
O1 KPI C 163 -22.25 5.79 -1.82
O2 KPI C 163 -22.81 3.69 -1.97
C KPI C 163 -19.15 -0.71 -8.52
O KPI C 163 -18.70 -1.26 -7.50
N ASP C 164 -18.36 -0.20 -9.33
CA ASP C 164 -16.87 -0.27 -9.21
C ASP C 164 -16.46 1.10 -8.74
N THR C 165 -16.20 1.23 -7.45
CA THR C 165 -15.91 2.55 -6.88
C THR C 165 -14.40 2.66 -6.69
N ILE C 166 -13.78 3.32 -7.63
CA ILE C 166 -12.29 3.35 -7.64
C ILE C 166 -11.90 4.43 -8.62
N ASP C 167 -10.92 5.22 -8.25
CA ASP C 167 -10.43 6.29 -9.16
C ASP C 167 -9.35 5.63 -10.06
N SER C 168 -9.82 4.89 -11.07
CA SER C 168 -8.88 4.16 -11.93
C SER C 168 -9.59 3.86 -13.25
N VAL C 169 -9.11 4.44 -14.33
CA VAL C 169 -9.65 4.17 -15.64
C VAL C 169 -9.31 2.71 -16.01
N ALA C 170 -8.10 2.26 -15.66
CA ALA C 170 -7.67 0.91 -15.94
C ALA C 170 -8.58 -0.14 -15.34
N HIS C 171 -8.99 0.09 -14.09
CA HIS C 171 -9.81 -0.88 -13.39
C HIS C 171 -11.18 -0.99 -14.07
N LEU C 172 -11.75 0.15 -14.44
CA LEU C 172 -13.03 0.22 -15.13
C LEU C 172 -12.91 -0.44 -16.51
N ARG C 173 -11.86 -0.07 -17.25
CA ARG C 173 -11.65 -0.59 -18.58
C ARG C 173 -11.57 -2.08 -18.49
N SER C 174 -10.82 -2.58 -17.51
CA SER C 174 -10.51 -3.99 -17.48
C SER C 174 -11.73 -4.78 -16.99
N MET C 175 -12.51 -4.16 -16.08
CA MET C 175 -13.75 -4.74 -15.60
C MET C 175 -14.72 -4.93 -16.75
N ILE C 176 -14.85 -3.89 -17.57
CA ILE C 176 -15.64 -3.97 -18.80
C ILE C 176 -15.12 -5.04 -19.83
N HIS C 177 -13.86 -4.99 -20.25
CA HIS C 177 -13.34 -6.01 -21.18
C HIS C 177 -13.48 -7.41 -20.64
N THR C 178 -13.06 -7.64 -19.40
CA THR C 178 -13.02 -8.98 -18.85
C THR C 178 -14.43 -9.50 -18.57
N VAL C 179 -15.25 -8.73 -17.87
CA VAL C 179 -16.55 -9.27 -17.50
C VAL C 179 -17.56 -9.13 -18.63
N LYS C 180 -17.68 -7.91 -19.20
CA LYS C 180 -18.68 -7.69 -20.26
C LYS C 180 -18.33 -8.46 -21.51
N GLY C 181 -17.02 -8.66 -21.76
CA GLY C 181 -16.54 -9.52 -22.87
C GLY C 181 -17.05 -10.95 -22.75
N ALA C 182 -17.18 -11.48 -21.52
CA ALA C 182 -17.78 -12.82 -21.34
C ALA C 182 -19.29 -12.79 -21.11
N HIS C 183 -19.80 -11.66 -20.63
CA HIS C 183 -21.22 -11.52 -20.25
C HIS C 183 -21.70 -10.16 -20.75
N PRO C 184 -22.06 -10.08 -22.03
CA PRO C 184 -22.36 -8.79 -22.66
C PRO C 184 -23.39 -7.93 -21.91
N HIS C 185 -24.32 -8.55 -21.18
CA HIS C 185 -25.35 -7.80 -20.45
C HIS C 185 -25.08 -7.65 -18.94
N PHE C 186 -23.89 -8.02 -18.50
CA PHE C 186 -23.45 -7.79 -17.12
C PHE C 186 -23.29 -6.28 -16.95
N THR C 187 -23.77 -5.79 -15.80
CA THR C 187 -23.80 -4.31 -15.72
C THR C 187 -22.57 -3.69 -15.01
N VAL C 188 -21.90 -2.69 -15.71
CA VAL C 188 -20.78 -1.96 -15.08
C VAL C 188 -21.08 -0.51 -14.74
N LEU C 189 -21.06 -0.20 -13.48
CA LEU C 189 -21.43 1.18 -13.04
C LEU C 189 -20.28 1.70 -12.24
N CYS C 190 -19.80 2.92 -12.53
CA CYS C 190 -18.71 3.42 -11.72
C CYS C 190 -19.34 4.06 -10.47
N GLY C 191 -18.56 4.18 -9.41
CA GLY C 191 -19.07 4.72 -8.16
C GLY C 191 -18.63 6.15 -7.95
N TYR C 192 -17.81 6.69 -8.86
CA TYR C 192 -17.35 8.07 -8.77
C TYR C 192 -17.90 8.93 -9.87
N ASP C 193 -18.23 10.18 -9.54
CA ASP C 193 -18.91 11.14 -10.44
C ASP C 193 -18.08 11.39 -11.68
N ASP C 194 -16.77 11.52 -11.47
CA ASP C 194 -15.87 11.96 -12.52
C ASP C 194 -15.43 10.81 -13.44
N HIS C 195 -16.00 9.62 -13.27
CA HIS C 195 -15.71 8.50 -14.14
C HIS C 195 -16.87 8.04 -15.04
N LEU C 196 -18.03 8.68 -14.91
CA LEU C 196 -19.27 8.30 -15.62
C LEU C 196 -19.02 8.41 -17.15
N PHE C 197 -18.58 9.57 -17.61
CA PHE C 197 -18.33 9.78 -19.03
C PHE C 197 -17.42 8.68 -19.56
N ASN C 198 -16.25 8.51 -18.95
CA ASN C 198 -15.30 7.51 -19.41
C ASN C 198 -15.94 6.12 -19.35
N THR C 199 -16.68 5.84 -18.27
CA THR C 199 -17.34 4.55 -18.19
C THR C 199 -18.24 4.32 -19.40
N LEU C 200 -19.04 5.33 -19.77
CA LEU C 200 -19.92 5.18 -20.95
C LEU C 200 -19.08 4.95 -22.21
N LEU C 201 -18.03 5.77 -22.40
CA LEU C 201 -17.17 5.63 -23.62
C LEU C 201 -16.46 4.27 -23.69
N LEU C 202 -16.17 3.69 -22.53
CA LEU C 202 -15.46 2.40 -22.44
C LEU C 202 -16.42 1.20 -22.71
N GLY C 203 -17.73 1.46 -22.77
CA GLY C 203 -18.69 0.36 -23.04
C GLY C 203 -19.41 -0.07 -21.77
N GLY C 204 -19.32 0.74 -20.68
CA GLY C 204 -20.00 0.38 -19.45
C GLY C 204 -21.33 1.11 -19.40
N ASP C 205 -21.97 1.08 -18.23
CA ASP C 205 -23.43 1.31 -18.19
C ASP C 205 -23.98 2.48 -17.43
N GLY C 206 -23.11 3.25 -16.76
CA GLY C 206 -23.61 4.42 -16.01
C GLY C 206 -22.92 4.51 -14.66
N ALA C 207 -23.58 5.16 -13.68
CA ALA C 207 -22.91 5.47 -12.42
C ALA C 207 -23.87 5.48 -11.25
N ILE C 208 -23.33 5.10 -10.11
CA ILE C 208 -24.02 5.21 -8.87
C ILE C 208 -23.07 6.13 -8.17
N SER C 209 -23.34 7.45 -8.14
CA SER C 209 -22.32 8.36 -7.54
C SER C 209 -22.92 9.50 -6.70
N ALA C 210 -22.18 9.97 -5.69
CA ALA C 210 -22.76 10.88 -4.65
C ALA C 210 -23.51 12.11 -5.22
N SER C 211 -23.07 12.65 -6.34
CA SER C 211 -23.69 13.87 -6.86
C SER C 211 -25.09 13.63 -7.43
N GLY C 212 -25.46 12.37 -7.60
CA GLY C 212 -26.84 12.03 -7.96
C GLY C 212 -27.80 12.57 -6.90
N ASN C 213 -27.30 12.80 -5.68
CA ASN C 213 -28.15 13.34 -4.60
C ASN C 213 -28.52 14.80 -4.73
N PHE C 214 -27.55 15.64 -5.10
CA PHE C 214 -27.79 17.08 -5.12
C PHE C 214 -27.76 17.68 -6.52
N ALA C 215 -27.24 16.93 -7.49
CA ALA C 215 -27.21 17.43 -8.88
C ALA C 215 -27.46 16.29 -9.85
N PRO C 216 -28.57 15.55 -9.66
CA PRO C 216 -28.85 14.41 -10.51
C PRO C 216 -28.98 14.82 -11.94
N GLN C 217 -29.35 16.10 -12.19
CA GLN C 217 -29.62 16.58 -13.57
C GLN C 217 -28.38 16.57 -14.41
N VAL C 218 -27.22 16.68 -13.74
CA VAL C 218 -25.94 16.67 -14.45
C VAL C 218 -25.69 15.31 -15.05
N SER C 219 -25.81 14.28 -14.23
CA SER C 219 -25.60 12.91 -14.71
C SER C 219 -26.72 12.50 -15.65
N VAL C 220 -27.95 12.83 -15.27
CA VAL C 220 -29.10 12.47 -16.10
C VAL C 220 -28.95 13.03 -17.51
N ASN C 221 -28.52 14.29 -17.57
CA ASN C 221 -28.43 15.00 -18.90
C ASN C 221 -27.24 14.50 -19.66
N LEU C 222 -26.18 14.14 -18.92
CA LEU C 222 -25.02 13.56 -19.56
C LEU C 222 -25.43 12.25 -20.24
N LEU C 223 -26.06 11.36 -19.52
CA LEU C 223 -26.46 10.07 -20.09
C LEU C 223 -27.41 10.24 -21.30
N LYS C 224 -28.34 11.16 -21.15
CA LYS C 224 -29.30 11.44 -22.23
C LYS C 224 -28.57 11.96 -23.47
N ALA C 225 -27.69 12.95 -23.28
CA ALA C 225 -26.89 13.50 -24.38
C ALA C 225 -26.13 12.34 -25.03
N TRP C 226 -25.47 11.51 -24.21
CA TRP C 226 -24.70 10.39 -24.73
C TRP C 226 -25.54 9.45 -25.59
N ARG C 227 -26.72 9.08 -25.08
CA ARG C 227 -27.63 8.21 -25.76
C ARG C 227 -28.18 8.83 -27.05
N ASP C 228 -28.30 10.15 -27.05
CA ASP C 228 -28.76 10.91 -28.23
C ASP C 228 -27.63 11.10 -29.24
N GLY C 229 -26.41 10.72 -28.89
CA GLY C 229 -25.32 10.89 -29.84
C GLY C 229 -24.76 12.29 -29.83
N ASP C 230 -25.15 13.09 -28.84
CA ASP C 230 -24.63 14.45 -28.75
C ASP C 230 -23.44 14.47 -27.72
N VAL C 231 -22.27 14.09 -28.24
CA VAL C 231 -21.11 13.77 -27.41
C VAL C 231 -20.55 15.02 -26.86
N ALA C 232 -20.65 16.09 -27.62
CA ALA C 232 -20.17 17.39 -27.15
C ALA C 232 -20.96 17.79 -25.94
N LYS C 233 -22.28 17.53 -25.94
CA LYS C 233 -23.09 18.03 -24.81
C LYS C 233 -22.74 17.22 -23.53
N ALA C 234 -22.65 15.91 -23.70
CA ALA C 234 -22.26 14.99 -22.68
C ALA C 234 -20.94 15.40 -22.03
N ALA C 235 -19.94 15.74 -22.87
CA ALA C 235 -18.65 16.18 -22.42
C ALA C 235 -18.81 17.44 -21.61
N GLY C 236 -19.77 18.29 -21.99
CA GLY C 236 -19.97 19.53 -21.23
C GLY C 236 -20.46 19.21 -19.81
N TYR C 237 -21.37 18.23 -19.69
CA TYR C 237 -21.80 17.80 -18.32
C TYR C 237 -20.63 17.14 -17.59
N HIS C 238 -19.84 16.35 -18.35
CA HIS C 238 -18.70 15.73 -17.80
C HIS C 238 -17.81 16.77 -17.14
N GLN C 239 -17.65 17.95 -17.79
CA GLN C 239 -16.76 18.95 -17.25
C GLN C 239 -17.21 19.36 -15.86
N THR C 240 -18.51 19.41 -15.64
CA THR C 240 -19.00 19.74 -14.33
C THR C 240 -18.71 18.61 -13.33
N LEU C 241 -18.91 17.38 -13.78
CA LEU C 241 -18.68 16.23 -12.94
C LEU C 241 -17.20 16.04 -12.56
N LEU C 242 -16.30 16.44 -13.47
CA LEU C 242 -14.87 16.45 -13.19
C LEU C 242 -14.51 17.31 -12.01
N GLN C 243 -15.26 18.37 -11.80
CA GLN C 243 -14.99 19.34 -10.74
C GLN C 243 -15.70 19.07 -9.43
N ILE C 244 -16.87 18.42 -9.46
CA ILE C 244 -17.64 18.18 -8.25
C ILE C 244 -16.82 17.55 -7.12
N PRO C 245 -16.03 16.50 -7.40
CA PRO C 245 -15.47 15.77 -6.24
C PRO C 245 -14.47 16.54 -5.39
N GLN C 246 -14.09 17.75 -5.79
CA GLN C 246 -13.38 18.68 -4.93
C GLN C 246 -13.98 18.76 -3.54
N MET C 247 -15.30 18.83 -3.51
CA MET C 247 -16.05 19.05 -2.26
C MET C 247 -15.92 17.87 -1.30
N TYR C 248 -15.66 16.66 -1.82
CA TYR C 248 -15.60 15.51 -0.91
C TYR C 248 -14.35 15.54 0.00
N GLN C 249 -13.43 16.46 -0.31
CA GLN C 249 -12.20 16.57 0.49
C GLN C 249 -12.54 17.38 1.74
N LEU C 250 -13.72 17.96 1.78
CA LEU C 250 -14.05 18.83 2.93
C LEU C 250 -14.16 18.08 4.29
N ASP C 251 -14.41 16.78 4.24
CA ASP C 251 -14.46 16.01 5.46
C ASP C 251 -14.30 14.52 5.13
N THR C 252 -13.91 13.72 6.11
CA THR C 252 -13.98 12.25 5.98
C THR C 252 -14.57 11.64 7.24
N PRO C 253 -15.68 10.91 7.12
CA PRO C 253 -16.52 10.67 5.92
C PRO C 253 -17.13 11.96 5.39
N PHE C 254 -17.55 11.97 4.14
CA PHE C 254 -18.12 13.17 3.56
C PHE C 254 -19.61 13.01 3.26
N VAL C 255 -20.27 12.06 3.93
CA VAL C 255 -21.75 11.99 3.92
C VAL C 255 -22.35 13.36 4.35
N ASN C 256 -21.71 14.06 5.29
CA ASN C 256 -22.22 15.34 5.76
C ASN C 256 -22.20 16.33 4.59
N VAL C 257 -21.07 16.37 3.86
CA VAL C 257 -20.88 17.25 2.70
C VAL C 257 -22.00 17.03 1.68
N ILE C 258 -22.33 15.76 1.44
CA ILE C 258 -23.35 15.45 0.46
C ILE C 258 -24.74 15.95 0.92
N LYS C 259 -25.09 15.73 2.18
CA LYS C 259 -26.38 16.25 2.66
C LYS C 259 -26.35 17.79 2.70
N GLU C 260 -25.24 18.41 3.09
CA GLU C 260 -25.16 19.92 3.05
C GLU C 260 -25.34 20.47 1.61
N ALA C 261 -24.87 19.68 0.63
CA ALA C 261 -25.04 20.04 -0.78
C ALA C 261 -26.50 19.86 -1.28
N ILE C 262 -27.20 18.84 -0.77
CA ILE C 262 -28.62 18.68 -1.09
C ILE C 262 -29.34 19.95 -0.64
N VAL C 263 -29.05 20.41 0.59
CA VAL C 263 -29.70 21.65 1.10
C VAL C 263 -29.37 22.87 0.19
N LEU C 264 -28.09 23.05 -0.08
CA LEU C 264 -27.66 24.21 -0.79
C LEU C 264 -28.23 24.23 -2.23
N CYS C 265 -28.49 23.04 -2.77
CA CYS C 265 -29.01 22.90 -4.10
C CYS C 265 -30.54 22.98 -4.19
N GLY C 266 -31.20 23.06 -3.04
CA GLY C 266 -32.55 23.61 -2.95
C GLY C 266 -33.55 22.71 -2.27
N ARG C 267 -33.08 21.65 -1.64
CA ARG C 267 -33.97 20.74 -0.93
C ARG C 267 -33.61 20.76 0.55
N PRO C 268 -34.43 21.45 1.39
CA PRO C 268 -34.12 21.59 2.83
C PRO C 268 -34.43 20.33 3.62
N VAL C 269 -33.48 19.42 3.66
CA VAL C 269 -33.55 18.25 4.51
C VAL C 269 -32.60 18.44 5.64
N SER C 270 -32.90 17.79 6.73
CA SER C 270 -32.02 17.72 7.84
C SER C 270 -30.70 17.06 7.37
N THR C 271 -29.58 17.61 7.84
CA THR C 271 -28.26 17.14 7.50
C THR C 271 -27.55 16.27 8.55
N HIS C 272 -28.28 15.84 9.59
N HIS C 272 -28.28 15.82 9.58
CA HIS C 272 -27.70 14.96 10.60
CA HIS C 272 -27.69 14.95 10.57
C HIS C 272 -27.04 13.73 9.93
C HIS C 272 -27.05 13.70 9.93
N VAL C 273 -25.89 13.33 10.46
CA VAL C 273 -25.21 12.11 10.02
C VAL C 273 -24.89 11.31 11.28
N LEU C 274 -24.66 10.00 11.12
CA LEU C 274 -24.50 9.18 12.28
C LEU C 274 -23.02 9.14 12.68
N PRO C 275 -22.72 9.01 14.00
CA PRO C 275 -21.30 8.83 14.39
C PRO C 275 -20.78 7.53 13.77
N PRO C 276 -19.46 7.46 13.44
CA PRO C 276 -18.43 8.45 13.77
C PRO C 276 -18.32 9.65 12.78
N ALA C 277 -19.19 9.78 11.78
CA ALA C 277 -19.25 11.05 11.04
C ALA C 277 -19.74 12.18 11.98
N SER C 278 -19.57 13.42 11.56
CA SER C 278 -20.01 14.53 12.39
C SER C 278 -20.43 15.73 11.51
N PRO C 279 -21.17 16.71 12.12
CA PRO C 279 -21.64 17.88 11.33
C PRO C 279 -20.49 18.62 10.62
N LEU C 280 -20.71 19.05 9.37
CA LEU C 280 -19.74 19.94 8.70
C LEU C 280 -19.75 21.33 9.38
N ASP C 281 -18.57 21.87 9.64
CA ASP C 281 -18.49 23.16 10.27
C ASP C 281 -18.82 24.28 9.27
N GLU C 282 -19.15 25.47 9.80
CA GLU C 282 -19.65 26.57 8.97
C GLU C 282 -18.64 27.04 7.93
N PRO C 283 -17.36 27.19 8.32
CA PRO C 283 -16.41 27.60 7.26
C PRO C 283 -16.38 26.65 6.11
N ARG C 284 -16.42 25.35 6.38
CA ARG C 284 -16.47 24.39 5.28
C ARG C 284 -17.81 24.36 4.53
N LYS C 285 -18.91 24.58 5.23
CA LYS C 285 -20.19 24.73 4.56
C LYS C 285 -20.15 25.93 3.60
N ALA C 286 -19.46 26.99 3.98
CA ALA C 286 -19.37 28.19 3.13
C ALA C 286 -18.48 27.94 1.92
N GLN C 287 -17.42 27.16 2.13
CA GLN C 287 -16.59 26.68 1.01
C GLN C 287 -17.40 25.82 0.05
N LEU C 288 -18.23 24.93 0.62
CA LEU C 288 -19.09 24.07 -0.20
C LEU C 288 -19.98 24.97 -1.08
N LYS C 289 -20.58 25.96 -0.44
CA LYS C 289 -21.49 26.82 -1.16
C LYS C 289 -20.79 27.52 -2.32
N THR C 290 -19.58 27.99 -2.06
CA THR C 290 -18.84 28.72 -3.09
C THR C 290 -18.58 27.84 -4.27
N LEU C 291 -18.15 26.63 -3.99
CA LEU C 291 -18.06 25.60 -4.97
C LEU C 291 -19.28 25.35 -5.82
N LEU C 292 -20.40 25.05 -5.17
CA LEU C 292 -21.66 24.84 -5.86
C LEU C 292 -22.05 26.06 -6.71
N GLN C 293 -21.79 27.24 -6.19
CA GLN C 293 -22.00 28.48 -6.96
C GLN C 293 -21.10 28.57 -8.19
N GLN C 294 -19.81 28.30 -8.02
CA GLN C 294 -18.90 28.30 -9.18
C GLN C 294 -19.32 27.30 -10.24
N LEU C 295 -19.93 26.22 -9.86
CA LEU C 295 -20.32 25.17 -10.81
C LEU C 295 -21.73 25.37 -11.36
N LYS C 296 -22.39 26.43 -10.89
CA LYS C 296 -23.76 26.74 -11.31
C LYS C 296 -24.74 25.67 -10.84
N LEU C 297 -24.54 25.17 -9.64
CA LEU C 297 -25.41 24.13 -9.14
C LEU C 297 -26.45 24.64 -8.11
N CYS C 298 -26.25 25.88 -7.62
CA CYS C 298 -27.22 26.51 -6.72
C CYS C 298 -27.17 28.02 -6.81
N ALA D 1 -0.54 -0.16 36.45
CA ALA D 1 -0.86 -0.68 35.03
C ALA D 1 -1.91 -1.79 34.99
N LEU D 2 -2.92 -1.60 34.15
CA LEU D 2 -4.08 -2.44 34.11
C LEU D 2 -4.04 -3.42 32.98
N PHE D 3 -4.62 -4.59 33.14
CA PHE D 3 -4.59 -5.58 32.02
C PHE D 3 -3.17 -5.89 31.43
N THR D 4 -2.17 -6.07 32.29
CA THR D 4 -0.86 -6.51 31.90
C THR D 4 -0.77 -8.04 31.85
N GLY D 5 0.26 -8.57 31.20
CA GLY D 5 0.47 -10.02 31.21
C GLY D 5 -0.15 -10.71 30.02
N ILE D 6 -0.56 -11.97 30.22
CA ILE D 6 -1.08 -12.82 29.17
C ILE D 6 -2.57 -12.87 29.26
N ILE D 7 -3.21 -12.30 28.21
CA ILE D 7 -4.65 -12.19 28.15
C ILE D 7 -5.19 -12.75 26.83
N PRO D 8 -5.56 -14.03 26.82
CA PRO D 8 -6.00 -14.53 25.54
C PRO D 8 -7.21 -13.81 24.97
N PRO D 9 -7.22 -13.67 23.61
CA PRO D 9 -8.44 -13.37 22.90
C PRO D 9 -9.18 -14.70 22.72
N VAL D 10 -10.20 -14.92 23.57
CA VAL D 10 -10.83 -16.20 23.70
C VAL D 10 -11.68 -16.50 22.50
N SER D 11 -11.55 -17.69 21.96
CA SER D 11 -12.49 -18.12 20.91
C SER D 11 -13.89 -18.24 21.49
N THR D 12 -14.91 -17.89 20.70
CA THR D 12 -16.28 -18.08 21.07
C THR D 12 -16.67 -19.42 20.47
N ILE D 13 -17.10 -20.35 21.30
CA ILE D 13 -17.41 -21.69 20.81
C ILE D 13 -18.88 -21.67 20.40
N PHE D 14 -19.16 -22.13 19.17
CA PHE D 14 -20.50 -22.20 18.67
C PHE D 14 -20.88 -23.65 18.43
N THR D 15 -22.18 -23.97 18.54
CA THR D 15 -22.70 -25.27 18.14
C THR D 15 -22.76 -25.33 16.63
N ALA D 16 -23.07 -26.51 16.09
CA ALA D 16 -23.29 -26.71 14.65
C ALA D 16 -24.36 -25.86 14.00
N ASP D 17 -25.31 -25.31 14.77
CA ASP D 17 -26.27 -24.32 14.17
C ASP D 17 -25.89 -22.91 14.44
N GLY D 18 -24.67 -22.71 14.93
CA GLY D 18 -24.14 -21.34 15.05
C GLY D 18 -24.66 -20.60 16.26
N GLN D 19 -25.03 -21.35 17.28
CA GLN D 19 -25.39 -20.72 18.54
C GLN D 19 -24.25 -20.85 19.49
N LEU D 20 -24.25 -19.98 20.48
CA LEU D 20 -23.30 -20.03 21.56
C LEU D 20 -23.31 -21.41 22.20
N ASP D 21 -22.13 -22.02 22.18
CA ASP D 21 -21.93 -23.27 22.86
C ASP D 21 -21.47 -22.93 24.26
N LYS D 22 -22.42 -22.98 25.22
CA LYS D 22 -22.06 -22.57 26.58
C LYS D 22 -21.15 -23.58 27.28
N PRO D 23 -21.46 -24.90 27.23
CA PRO D 23 -20.53 -25.84 27.86
C PRO D 23 -19.10 -25.75 27.25
N GLY D 24 -19.01 -25.66 25.94
CA GLY D 24 -17.69 -25.59 25.28
C GLY D 24 -16.98 -24.29 25.59
N THR D 25 -17.69 -23.16 25.51
CA THR D 25 -17.04 -21.86 25.87
C THR D 25 -16.65 -21.84 27.35
N ALA D 26 -17.51 -22.40 28.21
CA ALA D 26 -17.19 -22.47 29.66
C ALA D 26 -15.96 -23.31 29.91
N ALA D 27 -15.89 -24.48 29.28
CA ALA D 27 -14.75 -25.38 29.47
C ALA D 27 -13.44 -24.69 29.01
N LEU D 28 -13.51 -23.98 27.88
CA LEU D 28 -12.32 -23.28 27.37
C LEU D 28 -11.86 -22.18 28.32
N ILE D 29 -12.82 -21.39 28.79
CA ILE D 29 -12.52 -20.39 29.85
C ILE D 29 -11.85 -21.02 31.05
N ASP D 30 -12.40 -22.16 31.49
CA ASP D 30 -11.84 -22.79 32.68
C ASP D 30 -10.43 -23.31 32.38
N ASP D 31 -10.24 -23.95 31.22
CA ASP D 31 -8.84 -24.30 30.87
C ASP D 31 -7.88 -23.08 30.96
N LEU D 32 -8.27 -21.97 30.35
CA LEU D 32 -7.34 -20.78 30.32
C LEU D 32 -7.05 -20.28 31.71
N ILE D 33 -8.08 -20.17 32.53
CA ILE D 33 -7.87 -19.69 33.92
C ILE D 33 -6.93 -20.63 34.70
N LYS D 34 -7.21 -21.90 34.59
CA LYS D 34 -6.34 -22.87 35.22
C LYS D 34 -4.87 -22.76 34.72
N ALA D 35 -4.70 -22.34 33.47
CA ALA D 35 -3.34 -22.25 32.92
C ALA D 35 -2.56 -21.07 33.47
N GLY D 36 -3.21 -20.19 34.24
CA GLY D 36 -2.49 -19.08 34.83
C GLY D 36 -2.52 -17.77 34.02
N VAL D 37 -3.46 -17.60 33.11
CA VAL D 37 -3.60 -16.31 32.42
C VAL D 37 -4.00 -15.15 33.36
N ASP D 38 -3.66 -13.94 32.94
CA ASP D 38 -3.82 -12.78 33.76
C ASP D 38 -5.13 -12.09 33.45
N GLY D 39 -5.84 -12.57 32.44
CA GLY D 39 -7.16 -12.01 32.13
C GLY D 39 -7.73 -12.72 30.94
N LEU D 40 -8.95 -12.38 30.56
CA LEU D 40 -9.57 -13.00 29.41
C LEU D 40 -10.28 -11.94 28.56
N PHE D 41 -10.12 -12.06 27.24
CA PHE D 41 -10.69 -11.04 26.33
C PHE D 41 -11.64 -11.71 25.40
N PHE D 42 -12.90 -11.30 25.46
CA PHE D 42 -13.98 -11.92 24.71
C PHE D 42 -14.38 -10.95 23.59
N LEU D 43 -14.74 -11.51 22.46
CA LEU D 43 -15.23 -10.76 21.32
C LEU D 43 -14.14 -9.84 20.71
N GLY D 44 -12.90 -10.31 20.76
CA GLY D 44 -11.86 -9.79 19.86
C GLY D 44 -12.00 -10.33 18.47
N SER D 45 -11.02 -10.08 17.62
CA SER D 45 -11.07 -10.59 16.23
C SER D 45 -11.16 -12.12 16.26
N GLY D 46 -10.34 -12.76 17.09
CA GLY D 46 -10.38 -14.25 17.27
C GLY D 46 -11.74 -14.77 17.86
N GLY D 47 -12.45 -13.88 18.58
CA GLY D 47 -13.78 -14.22 19.18
C GLY D 47 -14.84 -14.01 18.18
N GLU D 48 -14.46 -13.63 16.94
CA GLU D 48 -15.41 -13.42 15.82
C GLU D 48 -16.48 -12.29 15.98
N PHE D 49 -16.12 -11.20 16.68
CA PHE D 49 -17.04 -10.08 16.91
C PHE D 49 -17.68 -9.61 15.61
N SER D 50 -16.87 -9.62 14.53
CA SER D 50 -17.29 -8.95 13.30
C SER D 50 -18.26 -9.79 12.48
N GLN D 51 -18.43 -11.06 12.87
CA GLN D 51 -19.41 -11.96 12.27
C GLN D 51 -20.69 -12.13 13.12
N LEU D 52 -20.76 -11.42 14.26
CA LEU D 52 -21.91 -11.48 15.22
C LEU D 52 -22.75 -10.23 15.23
N GLY D 53 -24.08 -10.40 15.43
CA GLY D 53 -24.95 -9.22 15.61
C GLY D 53 -24.81 -8.74 17.04
N ALA D 54 -25.24 -7.50 17.28
CA ALA D 54 -25.17 -6.85 18.61
C ALA D 54 -25.81 -7.65 19.76
N GLU D 55 -27.03 -8.12 19.57
CA GLU D 55 -27.71 -8.85 20.65
C GLU D 55 -26.98 -10.17 20.91
N GLU D 56 -26.51 -10.84 19.83
CA GLU D 56 -25.62 -11.96 20.02
C GLU D 56 -24.41 -11.63 20.89
N ARG D 57 -23.71 -10.55 20.58
CA ARG D 57 -22.53 -10.12 21.33
C ARG D 57 -22.84 -9.80 22.78
N LYS D 58 -23.98 -9.16 23.03
CA LYS D 58 -24.41 -8.94 24.41
C LYS D 58 -24.60 -10.27 25.15
N ALA D 59 -25.23 -11.23 24.46
CA ALA D 59 -25.54 -12.50 25.12
C ALA D 59 -24.23 -13.21 25.35
N ILE D 60 -23.35 -13.23 24.35
CA ILE D 60 -22.03 -13.82 24.63
C ILE D 60 -21.27 -13.17 25.78
N ALA D 61 -21.19 -11.85 25.80
CA ALA D 61 -20.44 -11.15 26.81
C ALA D 61 -20.97 -11.44 28.21
N ARG D 62 -22.29 -11.38 28.33
CA ARG D 62 -22.92 -11.64 29.64
C ARG D 62 -22.61 -13.07 30.13
N PHE D 63 -22.81 -14.05 29.23
CA PHE D 63 -22.47 -15.43 29.55
C PHE D 63 -21.05 -15.53 30.02
N ALA D 64 -20.15 -14.86 29.31
CA ALA D 64 -18.73 -15.00 29.58
C ALA D 64 -18.32 -14.36 30.89
N ILE D 65 -18.82 -13.16 31.13
CA ILE D 65 -18.48 -12.44 32.37
C ILE D 65 -18.99 -13.30 33.56
N ASP D 66 -20.23 -13.77 33.42
CA ASP D 66 -20.84 -14.60 34.45
C ASP D 66 -20.07 -15.84 34.74
N HIS D 67 -19.70 -16.55 33.69
CA HIS D 67 -18.91 -17.77 33.89
C HIS D 67 -17.55 -17.51 34.48
N VAL D 68 -16.86 -16.46 34.05
CA VAL D 68 -15.58 -16.09 34.72
C VAL D 68 -15.80 -15.79 36.21
N ASP D 69 -16.92 -15.16 36.52
CA ASP D 69 -17.28 -14.93 37.93
C ASP D 69 -16.14 -14.32 38.70
N ARG D 70 -15.56 -13.26 38.14
CA ARG D 70 -14.43 -12.50 38.74
C ARG D 70 -13.13 -13.23 39.09
N ARG D 71 -12.87 -14.39 38.49
CA ARG D 71 -11.62 -15.09 38.82
C ARG D 71 -10.39 -14.39 38.22
N VAL D 72 -10.59 -13.70 37.10
CA VAL D 72 -9.54 -12.93 36.45
C VAL D 72 -10.29 -11.78 35.80
N PRO D 73 -9.58 -10.68 35.51
CA PRO D 73 -10.13 -9.52 34.85
C PRO D 73 -10.68 -9.94 33.50
N VAL D 74 -11.83 -9.41 33.12
CA VAL D 74 -12.51 -9.71 31.86
C VAL D 74 -12.60 -8.47 30.98
N LEU D 75 -12.17 -8.59 29.71
CA LEU D 75 -12.29 -7.49 28.71
C LEU D 75 -13.32 -7.88 27.70
N ILE D 76 -14.13 -6.92 27.28
CA ILE D 76 -15.06 -7.16 26.24
C ILE D 76 -14.78 -6.29 25.01
N GLY D 77 -14.75 -6.94 23.84
CA GLY D 77 -14.58 -6.22 22.60
C GLY D 77 -15.88 -5.63 22.14
N THR D 78 -16.00 -4.30 22.11
CA THR D 78 -17.30 -3.70 21.82
C THR D 78 -17.27 -2.88 20.53
N GLY D 79 -16.12 -2.85 19.85
CA GLY D 79 -15.98 -2.10 18.60
C GLY D 79 -16.68 -2.56 17.36
N GLY D 80 -16.60 -1.75 16.33
CA GLY D 80 -17.32 -1.99 15.08
C GLY D 80 -17.27 -0.74 14.24
N THR D 81 -18.14 -0.65 13.24
CA THR D 81 -18.27 0.59 12.48
C THR D 81 -19.43 1.46 13.00
N ASN D 82 -20.42 0.81 13.60
CA ASN D 82 -21.59 1.50 14.14
C ASN D 82 -21.28 2.08 15.50
N ALA D 83 -20.93 3.34 15.50
CA ALA D 83 -20.50 4.03 16.71
C ALA D 83 -21.57 4.05 17.84
N ARG D 84 -22.83 4.19 17.46
CA ARG D 84 -23.92 4.15 18.45
C ARG D 84 -24.00 2.77 19.08
N GLU D 85 -23.81 1.75 18.28
CA GLU D 85 -23.75 0.41 18.79
C GLU D 85 -22.53 0.12 19.68
N THR D 86 -21.38 0.69 19.33
CA THR D 86 -20.24 0.60 20.25
C THR D 86 -20.57 1.15 21.65
N ILE D 87 -21.22 2.30 21.70
CA ILE D 87 -21.58 2.86 23.02
C ILE D 87 -22.54 1.88 23.78
N GLU D 88 -23.55 1.42 23.06
CA GLU D 88 -24.51 0.44 23.60
C GLU D 88 -23.86 -0.83 24.09
N LEU D 89 -22.93 -1.37 23.31
CA LEU D 89 -22.24 -2.60 23.73
C LEU D 89 -21.34 -2.31 24.87
N SER D 90 -20.71 -1.15 24.88
CA SER D 90 -19.79 -0.82 25.98
C SER D 90 -20.54 -0.58 27.29
N GLN D 91 -21.65 0.16 27.26
CA GLN D 91 -22.49 0.36 28.46
C GLN D 91 -23.07 -0.99 28.92
N HIS D 92 -23.44 -1.83 27.94
CA HIS D 92 -23.91 -3.16 28.28
C HIS D 92 -22.81 -3.98 28.99
N ALA D 93 -21.58 -3.87 28.49
CA ALA D 93 -20.47 -4.57 29.13
C ALA D 93 -20.30 -4.15 30.58
N GLN D 94 -20.28 -2.85 30.79
CA GLN D 94 -20.17 -2.29 32.10
C GLN D 94 -21.31 -2.80 33.02
N GLN D 95 -22.55 -2.70 32.57
CA GLN D 95 -23.72 -3.17 33.38
C GLN D 95 -23.61 -4.67 33.73
N ALA D 96 -23.11 -5.44 32.74
CA ALA D 96 -23.02 -6.90 32.91
C ALA D 96 -21.89 -7.31 33.82
N GLY D 97 -20.95 -6.41 34.10
CA GLY D 97 -19.89 -6.71 35.09
C GLY D 97 -18.50 -6.87 34.51
N ALA D 98 -18.33 -6.45 33.25
CA ALA D 98 -16.95 -6.46 32.66
C ALA D 98 -15.99 -5.58 33.45
N ASP D 99 -14.69 -5.86 33.35
CA ASP D 99 -13.67 -5.03 33.99
C ASP D 99 -13.10 -4.00 33.03
N GLY D 100 -13.33 -4.19 31.75
CA GLY D 100 -12.86 -3.21 30.74
C GLY D 100 -13.35 -3.56 29.36
N ILE D 101 -13.20 -2.62 28.45
CA ILE D 101 -13.61 -2.82 27.06
C ILE D 101 -12.36 -2.62 26.16
N VAL D 102 -12.40 -3.22 24.98
CA VAL D 102 -11.30 -3.08 24.04
C VAL D 102 -11.99 -2.59 22.78
N VAL D 103 -11.49 -1.52 22.19
CA VAL D 103 -12.23 -0.82 21.15
C VAL D 103 -11.24 -0.54 20.00
N ILE D 104 -11.55 -1.14 18.86
CA ILE D 104 -10.83 -0.95 17.64
C ILE D 104 -11.35 0.37 17.00
N ASN D 105 -10.56 0.97 16.11
CA ASN D 105 -11.02 2.10 15.34
C ASN D 105 -12.01 1.61 14.28
N PRO D 106 -12.91 2.46 13.83
CA PRO D 106 -13.87 2.10 12.78
C PRO D 106 -13.11 1.70 11.54
N TYR D 107 -13.53 0.60 10.91
CA TYR D 107 -12.68 -0.03 9.91
C TYR D 107 -13.33 -0.09 8.52
N TYR D 108 -14.46 0.60 8.34
CA TYR D 108 -14.99 0.71 6.99
C TYR D 108 -14.44 2.04 6.46
N TRP D 109 -15.17 3.14 6.70
CA TRP D 109 -14.57 4.48 6.53
C TRP D 109 -13.36 4.62 7.44
N LYS D 110 -12.31 5.23 6.92
CA LYS D 110 -11.15 5.58 7.73
C LYS D 110 -11.37 7.04 8.03
N VAL D 111 -11.95 7.25 9.19
CA VAL D 111 -12.45 8.57 9.57
C VAL D 111 -11.29 9.59 9.79
N SER D 112 -11.56 10.86 9.54
CA SER D 112 -10.54 11.90 9.74
C SER D 112 -10.00 11.77 11.16
N GLU D 113 -8.84 12.35 11.37
CA GLU D 113 -8.25 12.31 12.70
C GLU D 113 -9.14 12.98 13.78
N ALA D 114 -9.72 14.13 13.44
CA ALA D 114 -10.63 14.82 14.33
C ALA D 114 -11.82 13.92 14.72
N ASN D 115 -12.42 13.22 13.74
CA ASN D 115 -13.57 12.29 14.00
C ASN D 115 -13.16 11.07 14.85
N LEU D 116 -11.93 10.64 14.63
CA LEU D 116 -11.38 9.45 15.28
C LEU D 116 -11.18 9.70 16.79
N ILE D 117 -10.52 10.79 17.07
CA ILE D 117 -10.32 11.21 18.45
C ILE D 117 -11.65 11.40 19.10
N ARG D 118 -12.59 12.05 18.39
CA ARG D 118 -13.89 12.32 18.96
C ARG D 118 -14.60 10.98 19.27
N TYR D 119 -14.52 10.04 18.32
CA TYR D 119 -15.10 8.71 18.52
C TYR D 119 -14.61 8.02 19.81
N PHE D 120 -13.30 7.95 19.96
CA PHE D 120 -12.73 7.27 21.11
C PHE D 120 -13.04 8.03 22.38
N GLU D 121 -13.03 9.38 22.32
CA GLU D 121 -13.41 10.22 23.48
C GLU D 121 -14.84 9.96 23.90
N GLN D 122 -15.76 9.84 22.93
CA GLN D 122 -17.18 9.56 23.22
C GLN D 122 -17.41 8.13 23.77
N VAL D 123 -16.69 7.14 23.24
CA VAL D 123 -16.88 5.85 23.85
C VAL D 123 -16.28 5.82 25.25
N ALA D 124 -15.14 6.48 25.42
CA ALA D 124 -14.50 6.50 26.74
C ALA D 124 -15.40 7.23 27.75
N ASP D 125 -16.09 8.27 27.26
CA ASP D 125 -17.03 9.02 28.10
C ASP D 125 -18.31 8.21 28.41
N SER D 126 -18.58 7.15 27.61
CA SER D 126 -19.85 6.44 27.79
C SER D 126 -19.80 5.48 28.94
N VAL D 127 -18.60 5.18 29.41
CA VAL D 127 -18.47 4.17 30.47
C VAL D 127 -17.53 4.64 31.52
N THR D 128 -17.59 4.10 32.71
CA THR D 128 -16.49 4.40 33.68
C THR D 128 -15.38 3.32 33.68
N LEU D 129 -15.60 2.31 32.89
CA LEU D 129 -14.65 1.22 32.71
C LEU D 129 -13.34 1.71 32.07
N PRO D 130 -12.20 1.10 32.42
CA PRO D 130 -10.97 1.25 31.61
C PRO D 130 -11.22 0.86 30.16
N VAL D 131 -10.65 1.62 29.24
CA VAL D 131 -10.73 1.34 27.83
C VAL D 131 -9.33 0.93 27.31
N MET D 132 -9.28 -0.20 26.59
CA MET D 132 -8.09 -0.56 25.83
C MET D 132 -8.32 -0.26 24.35
N LEU D 133 -7.39 0.43 23.71
CA LEU D 133 -7.53 0.68 22.29
C LEU D 133 -7.07 -0.60 21.60
N TYR D 134 -7.43 -0.74 20.33
CA TYR D 134 -7.11 -1.94 19.59
C TYR D 134 -6.67 -1.48 18.19
N ASN D 135 -5.39 -1.63 17.90
CA ASN D 135 -4.81 -1.33 16.58
C ASN D 135 -4.62 -2.61 15.76
N PHE D 136 -5.22 -2.67 14.56
CA PHE D 136 -5.01 -3.84 13.70
C PHE D 136 -5.00 -3.34 12.25
N PRO D 137 -3.96 -2.57 11.88
CA PRO D 137 -3.97 -1.83 10.62
C PRO D 137 -4.01 -2.73 9.36
N ALA D 138 -3.55 -3.97 9.45
CA ALA D 138 -3.72 -4.92 8.31
C ALA D 138 -5.17 -5.13 8.00
N LEU D 139 -6.03 -5.05 9.01
CA LEU D 139 -7.49 -5.21 8.76
C LEU D 139 -8.23 -3.90 8.66
N THR D 140 -7.89 -2.96 9.52
CA THR D 140 -8.61 -1.69 9.54
C THR D 140 -8.23 -0.73 8.45
N GLY D 141 -7.02 -0.83 7.91
CA GLY D 141 -6.58 0.17 6.86
C GLY D 141 -6.28 1.54 7.44
N GLN D 142 -6.25 1.65 8.78
CA GLN D 142 -5.94 2.93 9.43
C GLN D 142 -5.20 2.66 10.73
N ASP D 143 -3.92 3.04 10.73
CA ASP D 143 -3.06 2.84 11.88
C ASP D 143 -3.38 3.81 13.04
N LEU D 144 -3.37 3.32 14.26
CA LEU D 144 -3.40 4.13 15.46
C LEU D 144 -1.92 4.36 15.77
N THR D 145 -1.41 5.50 15.39
CA THR D 145 0.00 5.76 15.50
C THR D 145 0.31 6.08 16.97
N PRO D 146 1.56 5.86 17.40
CA PRO D 146 1.92 6.17 18.78
C PRO D 146 1.53 7.60 19.20
N ALA D 147 1.69 8.57 18.27
CA ALA D 147 1.36 9.98 18.54
C ALA D 147 -0.13 10.12 18.84
N LEU D 148 -0.93 9.46 18.03
CA LEU D 148 -2.40 9.55 18.24
C LEU D 148 -2.79 8.89 19.54
N VAL D 149 -2.22 7.73 19.80
CA VAL D 149 -2.54 7.01 21.00
C VAL D 149 -2.10 7.84 22.20
N LYS D 150 -0.92 8.44 22.15
CA LYS D 150 -0.57 9.36 23.24
C LYS D 150 -1.63 10.55 23.45
N THR D 151 -2.03 11.20 22.35
CA THR D 151 -3.04 12.24 22.37
C THR D 151 -4.33 11.67 23.02
N LEU D 152 -4.76 10.45 22.68
CA LEU D 152 -5.93 9.84 23.34
C LEU D 152 -5.72 9.59 24.86
N ALA D 153 -4.52 9.10 25.24
CA ALA D 153 -4.21 8.86 26.68
C ALA D 153 -4.11 10.18 27.44
N ASP D 154 -3.61 11.26 26.79
CA ASP D 154 -3.61 12.60 27.39
C ASP D 154 -5.07 13.07 27.55
N SER D 155 -5.95 12.67 26.65
CA SER D 155 -7.32 13.26 26.66
C SER D 155 -8.29 12.64 27.66
N ARG D 156 -8.19 11.32 27.85
CA ARG D 156 -9.08 10.59 28.71
C ARG D 156 -8.35 9.65 29.64
N SER D 157 -8.58 9.83 30.95
CA SER D 157 -7.80 9.10 31.94
C SER D 157 -8.22 7.63 31.99
N ASN D 158 -9.37 7.29 31.41
CA ASN D 158 -9.74 5.89 31.38
C ASN D 158 -9.29 5.14 30.06
N ILE D 159 -8.58 5.85 29.17
CA ILE D 159 -7.92 5.20 28.02
C ILE D 159 -6.50 4.82 28.50
N ILE D 160 -6.36 3.54 28.85
CA ILE D 160 -5.25 3.11 29.70
C ILE D 160 -4.36 2.02 29.05
N GLY D 161 -4.63 1.65 27.79
CA GLY D 161 -3.77 0.67 27.15
C GLY D 161 -4.08 0.48 25.70
N ILE D 162 -3.32 -0.41 25.05
CA ILE D 162 -3.51 -0.77 23.66
C ILE D 162 -3.06 -2.22 23.38
N KPI D 163 -3.89 -2.85 22.68
CA KPI D 163 -3.49 -4.04 21.92
CB KPI D 163 -4.70 -4.97 21.81
CG KPI D 163 -4.33 -6.31 21.18
CD KPI D 163 -5.63 -7.05 20.85
CE KPI D 163 -5.24 -8.27 20.00
NZ KPI D 163 -6.40 -9.15 19.80
CX1 KPI D 163 -6.42 -10.22 18.81
C1 KPI D 163 -5.39 -11.32 18.84
CX2 KPI D 163 -7.80 -10.79 18.76
O1 KPI D 163 -8.70 -9.99 19.09
O2 KPI D 163 -8.01 -11.91 18.29
C KPI D 163 -2.95 -3.69 20.55
O KPI D 163 -3.78 -3.17 19.78
N ASP D 164 -1.71 -3.96 20.35
CA ASP D 164 -1.12 -3.42 19.09
C ASP D 164 -0.82 -4.63 18.22
N THR D 165 -1.68 -4.90 17.26
CA THR D 165 -1.59 -6.10 16.43
C THR D 165 -0.96 -5.72 15.11
N ILE D 166 0.34 -5.97 15.00
CA ILE D 166 1.08 -5.58 13.81
C ILE D 166 2.40 -6.32 13.87
N ASP D 167 2.88 -6.78 12.72
CA ASP D 167 4.14 -7.50 12.72
C ASP D 167 5.20 -6.43 12.50
N SER D 168 5.60 -5.78 13.59
CA SER D 168 6.50 -4.63 13.45
C SER D 168 7.16 -4.29 14.78
N VAL D 169 8.46 -4.51 14.85
CA VAL D 169 9.20 -4.21 16.06
C VAL D 169 9.14 -2.72 16.23
N ALA D 170 9.32 -1.97 15.12
CA ALA D 170 9.38 -0.49 15.18
C ALA D 170 8.11 0.08 15.81
N HIS D 171 6.96 -0.43 15.36
CA HIS D 171 5.68 0.09 15.86
C HIS D 171 5.57 -0.13 17.37
N LEU D 172 5.87 -1.35 17.81
CA LEU D 172 5.78 -1.69 19.24
C LEU D 172 6.78 -0.81 20.01
N ARG D 173 8.02 -0.76 19.51
CA ARG D 173 9.02 0.06 20.14
C ARG D 173 8.55 1.51 20.29
N SER D 174 8.06 2.07 19.18
CA SER D 174 7.69 3.46 19.18
C SER D 174 6.41 3.72 20.04
N MET D 175 5.45 2.77 20.01
CA MET D 175 4.28 2.83 20.89
C MET D 175 4.71 2.96 22.35
N ILE D 176 5.68 2.13 22.75
CA ILE D 176 6.17 2.08 24.09
C ILE D 176 6.89 3.37 24.43
N HIS D 177 7.81 3.82 23.57
CA HIS D 177 8.55 5.03 23.91
C HIS D 177 7.67 6.23 24.01
N THR D 178 6.76 6.32 23.06
CA THR D 178 5.96 7.50 22.92
C THR D 178 4.86 7.50 24.00
N VAL D 179 4.08 6.44 24.11
CA VAL D 179 2.95 6.52 25.02
C VAL D 179 3.40 6.28 26.47
N LYS D 180 4.19 5.22 26.69
CA LYS D 180 4.62 4.90 28.06
C LYS D 180 5.61 5.93 28.55
N GLY D 181 6.34 6.54 27.63
CA GLY D 181 7.22 7.65 28.03
C GLY D 181 6.43 8.81 28.67
N ALA D 182 5.23 9.06 28.15
CA ALA D 182 4.36 10.11 28.74
C ALA D 182 3.46 9.57 29.86
N HIS D 183 3.12 8.28 29.80
CA HIS D 183 2.19 7.65 30.71
C HIS D 183 2.77 6.31 31.11
N PRO D 184 3.69 6.33 32.12
CA PRO D 184 4.41 5.10 32.55
C PRO D 184 3.55 3.87 32.77
N HIS D 185 2.32 4.04 33.24
CA HIS D 185 1.43 2.91 33.49
C HIS D 185 0.43 2.61 32.41
N PHE D 186 0.53 3.30 31.29
CA PHE D 186 -0.27 2.96 30.12
C PHE D 186 0.14 1.56 29.62
N THR D 187 -0.83 0.73 29.40
CA THR D 187 -0.48 -0.67 29.11
C THR D 187 -0.17 -0.95 27.59
N VAL D 188 1.00 -1.53 27.23
CA VAL D 188 1.18 -1.96 25.82
C VAL D 188 1.25 -3.48 25.63
N LEU D 189 0.32 -4.03 24.85
CA LEU D 189 0.21 -5.47 24.65
C LEU D 189 0.30 -5.73 23.16
N CYS D 190 1.04 -6.77 22.74
CA CYS D 190 1.15 -7.03 21.34
C CYS D 190 0.06 -8.01 21.02
N GLY D 191 -0.42 -8.01 19.77
CA GLY D 191 -1.50 -8.95 19.36
C GLY D 191 -0.99 -10.19 18.65
N TYR D 192 0.32 -10.30 18.45
CA TYR D 192 0.91 -11.49 17.75
C TYR D 192 1.82 -12.28 18.69
N ASP D 193 1.66 -13.58 18.62
CA ASP D 193 2.40 -14.52 19.50
C ASP D 193 3.92 -14.29 19.49
N ASP D 194 4.46 -14.05 18.28
CA ASP D 194 5.90 -14.02 18.11
C ASP D 194 6.49 -12.65 18.42
N HIS D 195 5.68 -11.76 19.00
CA HIS D 195 6.18 -10.48 19.45
C HIS D 195 6.15 -10.29 20.97
N LEU D 196 5.61 -11.28 21.68
CA LEU D 196 5.55 -11.22 23.15
C LEU D 196 6.93 -10.94 23.74
N PHE D 197 7.92 -11.76 23.39
CA PHE D 197 9.25 -11.66 24.01
C PHE D 197 9.90 -10.28 23.75
N ASN D 198 9.81 -9.82 22.51
CA ASN D 198 10.31 -8.46 22.19
C ASN D 198 9.56 -7.37 22.92
N THR D 199 8.24 -7.57 23.07
CA THR D 199 7.37 -6.56 23.73
C THR D 199 7.86 -6.43 25.16
N LEU D 200 8.20 -7.55 25.81
CA LEU D 200 8.66 -7.50 27.21
C LEU D 200 10.02 -6.81 27.28
N LEU D 201 10.94 -7.20 26.39
CA LEU D 201 12.27 -6.63 26.41
C LEU D 201 12.34 -5.14 26.05
N LEU D 202 11.34 -4.67 25.33
CA LEU D 202 11.20 -3.29 24.91
C LEU D 202 10.59 -2.45 26.04
N GLY D 203 9.97 -3.08 27.03
CA GLY D 203 9.32 -2.35 28.14
C GLY D 203 7.81 -2.39 28.06
N GLY D 204 7.25 -3.21 27.17
CA GLY D 204 5.77 -3.38 27.18
C GLY D 204 5.31 -4.39 28.19
N ASP D 205 4.07 -4.82 28.08
CA ASP D 205 3.39 -5.42 29.22
C ASP D 205 2.84 -6.81 29.03
N GLY D 206 2.90 -7.35 27.82
CA GLY D 206 2.34 -8.68 27.63
C GLY D 206 1.73 -8.83 26.24
N ALA D 207 0.79 -9.77 26.11
CA ALA D 207 0.21 -10.06 24.81
C ALA D 207 -1.20 -10.53 24.92
N ILE D 208 -1.98 -10.15 23.92
CA ILE D 208 -3.26 -10.76 23.64
C ILE D 208 -3.00 -11.44 22.33
N SER D 209 -2.77 -12.76 22.35
CA SER D 209 -2.52 -13.45 21.09
C SER D 209 -3.19 -14.79 20.94
N ALA D 210 -3.52 -15.14 19.69
CA ALA D 210 -4.25 -16.37 19.36
C ALA D 210 -3.79 -17.65 20.10
N SER D 211 -2.50 -17.82 20.33
CA SER D 211 -2.06 -19.10 20.91
C SER D 211 -2.40 -19.22 22.39
N GLY D 212 -2.84 -18.12 22.97
CA GLY D 212 -3.34 -18.18 24.32
C GLY D 212 -4.54 -19.11 24.41
N ASN D 213 -5.21 -19.39 23.30
CA ASN D 213 -6.29 -20.39 23.31
C ASN D 213 -5.90 -21.87 23.45
N PHE D 214 -4.79 -22.29 22.81
CA PHE D 214 -4.54 -23.71 22.70
C PHE D 214 -3.20 -24.07 23.35
N ALA D 215 -2.36 -23.09 23.54
CA ALA D 215 -1.10 -23.28 24.28
C ALA D 215 -0.81 -22.07 25.22
N PRO D 216 -1.75 -21.74 26.08
CA PRO D 216 -1.51 -20.60 27.05
C PRO D 216 -0.28 -20.76 27.90
N GLN D 217 0.10 -22.01 28.18
CA GLN D 217 1.22 -22.32 29.08
C GLN D 217 2.55 -21.77 28.54
N VAL D 218 2.67 -21.70 27.20
CA VAL D 218 3.90 -21.18 26.58
C VAL D 218 4.07 -19.69 26.94
N SER D 219 3.03 -18.90 26.76
CA SER D 219 3.06 -17.48 27.08
C SER D 219 3.13 -17.25 28.57
N VAL D 220 2.24 -17.94 29.30
CA VAL D 220 2.26 -17.85 30.77
C VAL D 220 3.65 -18.14 31.32
N ASN D 221 4.29 -19.19 30.79
CA ASN D 221 5.59 -19.61 31.38
C ASN D 221 6.68 -18.67 30.90
N LEU D 222 6.53 -18.17 29.66
CA LEU D 222 7.49 -17.11 29.21
C LEU D 222 7.38 -15.88 30.13
N LEU D 223 6.16 -15.39 30.33
CA LEU D 223 6.01 -14.25 31.24
C LEU D 223 6.62 -14.54 32.62
N LYS D 224 6.35 -15.72 33.16
CA LYS D 224 6.84 -16.09 34.52
C LYS D 224 8.37 -16.13 34.56
N ALA D 225 8.97 -16.85 33.60
CA ALA D 225 10.43 -16.88 33.47
C ALA D 225 11.06 -15.51 33.37
N TRP D 226 10.47 -14.65 32.54
CA TRP D 226 10.96 -13.26 32.36
C TRP D 226 10.87 -12.49 33.69
N ARG D 227 9.69 -12.53 34.33
CA ARG D 227 9.50 -11.91 35.65
C ARG D 227 10.46 -12.50 36.71
N ASP D 228 10.81 -13.77 36.58
CA ASP D 228 11.77 -14.41 37.49
C ASP D 228 13.22 -14.06 37.18
N GLY D 229 13.43 -13.36 36.06
CA GLY D 229 14.79 -13.06 35.66
C GLY D 229 15.49 -14.22 34.94
N ASP D 230 14.74 -15.26 34.57
CA ASP D 230 15.30 -16.40 33.87
C ASP D 230 15.09 -16.21 32.36
N VAL D 231 15.92 -15.34 31.80
CA VAL D 231 15.81 -14.87 30.43
C VAL D 231 15.99 -16.01 29.44
N ALA D 232 16.88 -16.93 29.76
CA ALA D 232 17.13 -18.05 28.88
C ALA D 232 15.92 -18.96 28.79
N LYS D 233 15.23 -19.13 29.92
CA LYS D 233 14.03 -19.95 29.87
C LYS D 233 12.93 -19.25 29.07
N ALA D 234 12.79 -17.95 29.28
CA ALA D 234 11.82 -17.13 28.50
C ALA D 234 12.10 -17.24 26.98
N ALA D 235 13.37 -17.15 26.61
CA ALA D 235 13.80 -17.24 25.18
C ALA D 235 13.45 -18.60 24.59
N GLY D 236 13.54 -19.66 25.39
CA GLY D 236 13.15 -21.00 24.95
C GLY D 236 11.67 -21.06 24.64
N TYR D 237 10.81 -20.46 25.50
CA TYR D 237 9.37 -20.34 25.16
C TYR D 237 9.14 -19.51 23.91
N HIS D 238 9.94 -18.47 23.77
CA HIS D 238 9.83 -17.53 22.64
C HIS D 238 10.05 -18.30 21.35
N GLN D 239 10.98 -19.24 21.41
CA GLN D 239 11.33 -20.01 20.23
C GLN D 239 10.15 -20.80 19.74
N THR D 240 9.35 -21.33 20.67
CA THR D 240 8.09 -21.96 20.30
C THR D 240 7.09 -20.96 19.68
N LEU D 241 6.92 -19.82 20.35
CA LEU D 241 6.07 -18.73 19.87
C LEU D 241 6.48 -18.18 18.47
N LEU D 242 7.78 -18.10 18.20
CA LEU D 242 8.28 -17.74 16.85
C LEU D 242 7.72 -18.64 15.76
N GLN D 243 7.46 -19.90 16.08
CA GLN D 243 7.10 -20.89 15.09
C GLN D 243 5.63 -21.07 14.96
N ILE D 244 4.89 -20.82 16.07
CA ILE D 244 3.45 -21.09 16.06
C ILE D 244 2.72 -20.40 14.88
N PRO D 245 3.06 -19.12 14.57
CA PRO D 245 2.21 -18.43 13.59
C PRO D 245 2.20 -19.01 12.18
N GLN D 246 3.10 -19.92 11.85
CA GLN D 246 3.00 -20.73 10.62
C GLN D 246 1.59 -21.28 10.37
N MET D 247 0.95 -21.75 11.43
CA MET D 247 -0.35 -22.35 11.33
C MET D 247 -1.46 -21.40 10.91
N TYR D 248 -1.31 -20.10 11.17
CA TYR D 248 -2.31 -19.14 10.77
C TYR D 248 -2.39 -18.90 9.26
N GLN D 249 -1.39 -19.35 8.53
CA GLN D 249 -1.43 -19.28 7.06
C GLN D 249 -2.38 -20.32 6.51
N LEU D 250 -2.86 -21.25 7.35
CA LEU D 250 -3.64 -22.36 6.81
C LEU D 250 -4.98 -21.93 6.19
N ASP D 251 -5.54 -20.81 6.67
CA ASP D 251 -6.78 -20.28 6.16
C ASP D 251 -6.90 -18.77 6.49
N THR D 252 -7.79 -18.05 5.79
CA THR D 252 -8.12 -16.68 6.11
C THR D 252 -9.64 -16.44 6.01
N PRO D 253 -10.32 -16.14 7.11
CA PRO D 253 -9.86 -16.03 8.49
C PRO D 253 -9.36 -17.37 9.02
N PHE D 254 -8.58 -17.33 10.07
CA PHE D 254 -8.01 -18.53 10.62
C PHE D 254 -8.58 -18.76 11.98
N VAL D 255 -9.78 -18.22 12.23
CA VAL D 255 -10.47 -18.59 13.44
C VAL D 255 -10.73 -20.12 13.51
N ASN D 256 -10.99 -20.75 12.36
CA ASN D 256 -11.11 -22.19 12.28
C ASN D 256 -9.87 -22.88 12.75
N VAL D 257 -8.71 -22.39 12.34
CA VAL D 257 -7.45 -23.01 12.72
C VAL D 257 -7.26 -23.01 14.24
N ILE D 258 -7.53 -21.84 14.84
CA ILE D 258 -7.33 -21.70 16.30
C ILE D 258 -8.23 -22.72 17.03
N LYS D 259 -9.48 -22.82 16.62
CA LYS D 259 -10.37 -23.72 17.30
C LYS D 259 -9.99 -25.20 17.03
N GLU D 260 -9.52 -25.52 15.82
CA GLU D 260 -9.03 -26.87 15.55
C GLU D 260 -7.85 -27.16 16.46
N ALA D 261 -7.05 -26.12 16.77
CA ALA D 261 -5.86 -26.33 17.57
C ALA D 261 -6.21 -26.57 19.06
N ILE D 262 -7.30 -25.92 19.50
CA ILE D 262 -7.78 -26.12 20.84
C ILE D 262 -8.15 -27.61 20.92
N VAL D 263 -8.91 -28.12 19.97
CA VAL D 263 -9.22 -29.58 19.91
C VAL D 263 -7.97 -30.49 19.97
N LEU D 264 -7.05 -30.29 19.03
CA LEU D 264 -5.81 -31.05 18.96
C LEU D 264 -4.98 -30.96 20.23
N CYS D 265 -5.04 -29.81 20.90
CA CYS D 265 -4.26 -29.64 22.10
C CYS D 265 -4.91 -30.19 23.36
N GLY D 266 -6.10 -30.80 23.24
CA GLY D 266 -6.65 -31.63 24.29
C GLY D 266 -8.05 -31.26 24.79
N ARG D 267 -8.68 -30.26 24.21
CA ARG D 267 -9.98 -29.77 24.69
C ARG D 267 -10.99 -29.90 23.58
N PRO D 268 -11.92 -30.89 23.67
CA PRO D 268 -12.85 -31.18 22.59
C PRO D 268 -13.99 -30.20 22.55
N VAL D 269 -13.84 -29.16 21.76
CA VAL D 269 -14.96 -28.26 21.54
C VAL D 269 -15.44 -28.40 20.14
N SER D 270 -16.68 -28.05 19.88
CA SER D 270 -17.11 -27.81 18.52
C SER D 270 -16.21 -26.71 17.91
N THR D 271 -15.86 -26.90 16.64
CA THR D 271 -14.97 -25.98 15.95
C THR D 271 -15.75 -25.16 14.95
N HIS D 272 -17.07 -25.17 15.02
CA HIS D 272 -17.86 -24.39 14.09
C HIS D 272 -17.41 -22.93 14.16
N VAL D 273 -17.40 -22.28 12.98
CA VAL D 273 -17.09 -20.84 12.89
C VAL D 273 -18.17 -20.17 12.06
N LEU D 274 -18.36 -18.84 12.25
CA LEU D 274 -19.43 -18.18 11.48
C LEU D 274 -18.99 -17.75 10.07
N PRO D 275 -19.92 -17.77 9.11
CA PRO D 275 -19.60 -17.20 7.82
C PRO D 275 -19.23 -15.70 7.94
N PRO D 276 -18.27 -15.21 7.12
CA PRO D 276 -17.77 -15.88 5.93
C PRO D 276 -16.56 -16.78 6.18
N ALA D 277 -16.15 -17.02 7.43
CA ALA D 277 -15.16 -18.11 7.67
C ALA D 277 -15.83 -19.47 7.39
N SER D 278 -15.06 -20.55 7.30
CA SER D 278 -15.59 -21.84 6.91
C SER D 278 -14.75 -22.94 7.57
N PRO D 279 -15.29 -24.16 7.71
CA PRO D 279 -14.56 -25.25 8.40
C PRO D 279 -13.21 -25.49 7.71
N LEU D 280 -12.20 -25.75 8.51
CA LEU D 280 -10.90 -26.19 7.96
C LEU D 280 -11.03 -27.61 7.36
N ASP D 281 -10.55 -27.82 6.13
CA ASP D 281 -10.57 -29.14 5.47
C ASP D 281 -9.61 -30.14 6.14
N GLU D 282 -9.81 -31.44 5.93
CA GLU D 282 -8.95 -32.44 6.61
C GLU D 282 -7.45 -32.34 6.33
N PRO D 283 -7.06 -32.11 5.03
CA PRO D 283 -5.62 -32.01 4.79
C PRO D 283 -5.01 -30.92 5.67
N ARG D 284 -5.67 -29.76 5.72
CA ARG D 284 -5.08 -28.68 6.47
C ARG D 284 -5.14 -28.91 8.00
N LYS D 285 -6.18 -29.60 8.47
CA LYS D 285 -6.25 -30.05 9.86
C LYS D 285 -5.06 -30.95 10.23
N ALA D 286 -4.70 -31.84 9.29
CA ALA D 286 -3.56 -32.76 9.53
C ALA D 286 -2.27 -31.98 9.56
N GLN D 287 -2.20 -30.97 8.72
CA GLN D 287 -1.00 -30.13 8.65
C GLN D 287 -0.84 -29.38 10.01
N LEU D 288 -1.97 -28.89 10.53
CA LEU D 288 -1.99 -28.20 11.80
C LEU D 288 -1.46 -29.16 12.85
N LYS D 289 -1.98 -30.38 12.80
CA LYS D 289 -1.62 -31.43 13.75
C LYS D 289 -0.11 -31.66 13.70
N THR D 290 0.46 -31.78 12.50
CA THR D 290 1.91 -32.07 12.42
C THR D 290 2.71 -30.89 12.97
N LEU D 291 2.28 -29.66 12.68
CA LEU D 291 2.93 -28.51 13.26
C LEU D 291 2.90 -28.53 14.76
N LEU D 292 1.71 -28.77 15.33
CA LEU D 292 1.58 -28.79 16.80
C LEU D 292 2.44 -29.92 17.43
N GLN D 293 2.57 -31.05 16.72
CA GLN D 293 3.38 -32.17 17.19
C GLN D 293 4.84 -31.76 17.14
N GLN D 294 5.26 -31.13 16.06
CA GLN D 294 6.67 -30.67 15.98
C GLN D 294 7.03 -29.70 17.11
N LEU D 295 6.03 -28.99 17.61
CA LEU D 295 6.30 -27.97 18.61
C LEU D 295 6.08 -28.53 20.02
N LYS D 296 5.76 -29.84 20.08
CA LYS D 296 5.48 -30.55 21.33
C LYS D 296 4.26 -30.01 22.10
N LEU D 297 3.23 -29.64 21.35
CA LEU D 297 2.11 -28.93 21.92
C LEU D 297 0.89 -29.84 21.98
N CYS D 298 0.98 -30.99 21.32
CA CYS D 298 -0.07 -32.03 21.41
C CYS D 298 0.51 -33.45 21.21
C1 EDO E . 13.63 10.64 -16.61
O1 EDO E . 15.04 10.59 -16.79
C2 EDO E . 13.44 11.11 -15.18
O2 EDO E . 14.16 12.31 -14.85
C1 EDO F . 22.48 -3.67 -4.48
O1 EDO F . 22.91 -4.90 -4.98
C2 EDO F . 23.55 -3.26 -3.51
O2 EDO F . 24.43 -2.76 -4.53
C1 EDO G . -22.92 -2.62 0.69
O1 EDO G . -23.69 -3.82 0.51
C2 EDO G . -23.77 -1.41 0.94
O2 EDO G . -24.77 -1.83 1.92
C1 EDO H . -12.99 -5.94 18.90
O1 EDO H . -14.38 -5.96 19.18
C2 EDO H . -12.46 -4.61 19.42
O2 EDO H . -13.46 -3.58 19.42
#